data_7O5N
#
_entry.id   7O5N
#
_cell.length_a   89.749
_cell.length_b   107.959
_cell.length_c   125.675
_cell.angle_alpha   90.000
_cell.angle_beta   90.000
_cell.angle_gamma   90.000
#
_symmetry.space_group_name_H-M   'P 21 21 21'
#
loop_
_entity.id
_entity.type
_entity.pdbx_description
1 polymer Beta-lactamase
2 non-polymer 1-BUTANOL
3 non-polymer (2S,5R)-1-formyl-5-[(sulfooxy)amino]piperidine-2-carboxamide
4 non-polymer 'CHLORIDE ION'
5 non-polymer GLYCEROL
6 water water
#
_entity_poly.entity_id   1
_entity_poly.type   'polypeptide(L)'
_entity_poly.pdbx_seq_one_letter_code
;MHHHHHHSAGENLYFQGKEWQENKSWNAHFTEHKSQGVVVLWNENKQQGFTNNLKRANQAFLPASTFKIPNSLIALDLGV
VKDEHQVFKWDGQTRDIATWNRDHNLITAMKYSVVPVYQEFARQIGEARMSKMLHAFDYGNEDISGNVDSFWLDGGIRIS
ATEQISFLRKLYHNKLHVSERSQRIVKQAMLTEANGDYIIRAKTGYSTRIEPKIGWWVGWVELDDNVWFFAMNMDMPTSD
GLGLRQAITKEVLKQEKIIP
;
_entity_poly.pdbx_strand_id   AAA,BBB,CCC,DDD
#
# COMPACT_ATOMS: atom_id res chain seq x y z
N LYS A 18 -37.86 10.58 0.72
CA LYS A 18 -38.19 9.28 1.43
C LYS A 18 -37.20 8.19 0.96
N GLU A 19 -36.78 7.29 1.86
CA GLU A 19 -35.61 6.41 1.61
C GLU A 19 -35.96 5.19 0.76
N TRP A 20 -37.04 4.48 1.11
CA TRP A 20 -37.52 3.24 0.44
C TRP A 20 -38.93 3.47 -0.08
N GLN A 21 -39.16 3.12 -1.33
CA GLN A 21 -40.45 3.40 -2.00
C GLN A 21 -40.82 2.18 -2.81
N GLU A 22 -42.09 1.78 -2.73
CA GLU A 22 -42.62 0.60 -3.43
C GLU A 22 -43.20 1.08 -4.75
N ASN A 23 -42.87 0.44 -5.87
CA ASN A 23 -43.40 0.74 -7.22
C ASN A 23 -44.02 -0.56 -7.74
N LYS A 24 -45.31 -0.74 -7.47
CA LYS A 24 -46.07 -1.96 -7.81
C LYS A 24 -46.19 -2.08 -9.33
N SER A 25 -45.94 -1.01 -10.08
CA SER A 25 -46.01 -1.05 -11.57
C SER A 25 -45.01 -2.08 -12.11
N TRP A 26 -43.91 -2.32 -11.41
CA TRP A 26 -42.85 -3.25 -11.88
C TRP A 26 -43.35 -4.68 -11.86
N ASN A 27 -44.38 -4.99 -11.08
CA ASN A 27 -44.91 -6.38 -10.96
C ASN A 27 -45.36 -6.86 -12.34
N ALA A 28 -45.74 -5.93 -13.21
CA ALA A 28 -46.15 -6.23 -14.61
C ALA A 28 -45.00 -6.94 -15.32
N HIS A 29 -43.75 -6.59 -15.01
CA HIS A 29 -42.59 -7.25 -15.65
C HIS A 29 -42.51 -8.71 -15.20
N PHE A 30 -42.86 -9.01 -13.96
CA PHE A 30 -42.89 -10.42 -13.51
C PHE A 30 -44.14 -11.12 -14.07
N THR A 31 -45.31 -10.46 -13.94
CA THR A 31 -46.65 -10.97 -14.38
C THR A 31 -46.56 -11.41 -15.84
N GLU A 32 -46.05 -10.54 -16.70
CA GLU A 32 -45.94 -10.73 -18.16
C GLU A 32 -45.09 -11.95 -18.50
N HIS A 33 -44.24 -12.45 -17.58
CA HIS A 33 -43.41 -13.67 -17.75
C HIS A 33 -43.92 -14.79 -16.84
N LYS A 34 -45.11 -14.65 -16.26
CA LYS A 34 -45.74 -15.67 -15.40
C LYS A 34 -44.74 -16.01 -14.28
N SER A 35 -44.08 -14.99 -13.76
CA SER A 35 -42.96 -15.14 -12.79
C SER A 35 -43.34 -14.41 -11.50
N GLN A 36 -42.60 -14.66 -10.41
CA GLN A 36 -42.78 -13.93 -9.14
C GLN A 36 -41.37 -13.56 -8.68
N GLY A 37 -41.19 -12.33 -8.22
CA GLY A 37 -39.87 -11.98 -7.68
C GLY A 37 -39.82 -10.57 -7.21
N VAL A 38 -38.61 -10.12 -6.94
CA VAL A 38 -38.37 -8.72 -6.51
C VAL A 38 -37.18 -8.15 -7.30
N VAL A 39 -37.31 -6.89 -7.69
CA VAL A 39 -36.20 -6.03 -8.16
C VAL A 39 -36.08 -4.89 -7.15
N VAL A 40 -34.86 -4.71 -6.63
CA VAL A 40 -34.50 -3.55 -5.80
C VAL A 40 -33.52 -2.68 -6.59
N LEU A 41 -33.78 -1.38 -6.71
CA LEU A 41 -32.82 -0.40 -7.28
C LEU A 41 -32.43 0.58 -6.19
N TRP A 42 -31.18 1.04 -6.25
CA TRP A 42 -30.69 2.15 -5.40
C TRP A 42 -30.04 3.21 -6.28
N ASN A 43 -30.57 4.42 -6.19
CA ASN A 43 -30.05 5.64 -6.87
C ASN A 43 -28.97 6.20 -5.96
N GLU A 44 -27.70 6.06 -6.34
CA GLU A 44 -26.60 6.45 -5.40
C GLU A 44 -26.62 7.97 -5.19
N ASN A 45 -26.81 8.74 -6.23
CA ASN A 45 -26.80 10.23 -6.15
C ASN A 45 -27.93 10.70 -5.20
N LYS A 46 -29.12 10.10 -5.26
CA LYS A 46 -30.30 10.58 -4.48
C LYS A 46 -30.38 9.86 -3.12
N GLN A 47 -29.57 8.81 -2.87
CA GLN A 47 -29.60 7.98 -1.65
C GLN A 47 -31.03 7.47 -1.41
N GLN A 48 -31.69 7.02 -2.46
CA GLN A 48 -33.08 6.52 -2.40
C GLN A 48 -33.15 5.15 -3.07
N GLY A 49 -33.98 4.27 -2.51
CA GLY A 49 -34.24 2.92 -3.04
C GLY A 49 -35.65 2.74 -3.52
N PHE A 50 -35.84 1.83 -4.47
CA PHE A 50 -37.14 1.52 -5.11
C PHE A 50 -37.25 0.00 -5.24
N THR A 51 -38.44 -0.54 -5.00
CA THR A 51 -38.71 -1.99 -5.16
C THR A 51 -40.18 -2.21 -5.53
N ASN A 52 -40.44 -3.30 -6.24
CA ASN A 52 -41.83 -3.73 -6.51
C ASN A 52 -42.42 -4.40 -5.26
N ASN A 53 -41.61 -4.74 -4.26
CA ASN A 53 -42.10 -5.64 -3.18
C ASN A 53 -41.24 -5.43 -1.96
N LEU A 54 -41.64 -4.53 -1.05
CA LEU A 54 -40.79 -4.21 0.13
C LEU A 54 -40.60 -5.46 0.99
N LYS A 55 -41.62 -6.32 1.12
CA LYS A 55 -41.46 -7.50 1.99
C LYS A 55 -40.37 -8.41 1.39
N ARG A 56 -40.55 -8.82 0.15
CA ARG A 56 -39.61 -9.77 -0.48
C ARG A 56 -38.22 -9.12 -0.65
N ALA A 57 -38.12 -7.80 -0.83
CA ALA A 57 -36.80 -7.10 -0.88
C ALA A 57 -36.02 -7.41 0.39
N ASN A 58 -36.71 -7.65 1.51
CA ASN A 58 -36.05 -7.87 2.83
C ASN A 58 -36.07 -9.33 3.28
N GLN A 59 -36.54 -10.26 2.45
CA GLN A 59 -36.50 -11.69 2.81
C GLN A 59 -35.13 -12.26 2.41
N ALA A 60 -34.58 -13.13 3.23
CA ALA A 60 -33.22 -13.63 3.02
C ALA A 60 -33.26 -15.00 2.35
N PHE A 61 -32.36 -15.20 1.39
CA PHE A 61 -32.23 -16.48 0.65
C PHE A 61 -30.75 -16.89 0.63
N LEU A 62 -30.49 -18.15 0.31
CA LEU A 62 -29.11 -18.58 0.02
C LEU A 62 -28.56 -17.70 -1.10
N PRO A 63 -27.30 -17.27 -1.00
CA PRO A 63 -26.68 -16.42 -2.03
C PRO A 63 -26.30 -17.19 -3.30
N ALA A 64 -26.09 -18.51 -3.16
CA ALA A 64 -25.56 -19.38 -4.23
C ALA A 64 -24.42 -18.63 -4.92
N SER A 65 -24.42 -18.55 -6.25
CA SER A 65 -23.19 -18.10 -6.96
C SER A 65 -22.89 -16.61 -6.71
N THR A 66 -23.83 -15.82 -6.16
CA THR A 66 -23.54 -14.41 -5.88
C THR A 66 -22.50 -14.36 -4.75
N PHE A 67 -22.35 -15.48 -4.06
CA PHE A 67 -21.29 -15.58 -3.03
C PHE A 67 -19.90 -15.54 -3.68
N LYS A 68 -19.75 -15.73 -4.98
CA LYS A 68 -18.42 -15.60 -5.63
C LYS A 68 -17.86 -14.17 -5.42
N ILE A 69 -18.71 -13.17 -5.19
CA ILE A 69 -18.16 -11.79 -4.96
C ILE A 69 -17.39 -11.76 -3.63
N PRO A 70 -18.00 -11.97 -2.45
CA PRO A 70 -17.20 -11.98 -1.21
C PRO A 70 -16.08 -13.05 -1.20
N ASN A 71 -16.36 -14.23 -1.74
CA ASN A 71 -15.36 -15.34 -1.79
C ASN A 71 -14.13 -14.85 -2.57
N SER A 72 -14.30 -14.22 -3.74
CA SER A 72 -13.20 -13.63 -4.54
C SER A 72 -12.42 -12.62 -3.68
N LEU A 73 -13.12 -11.71 -2.99
CA LEU A 73 -12.48 -10.62 -2.21
C LEU A 73 -11.58 -11.23 -1.13
N ILE A 74 -12.12 -12.20 -0.43
CA ILE A 74 -11.41 -12.81 0.73
C ILE A 74 -10.21 -13.57 0.16
N ALA A 75 -10.39 -14.29 -0.94
CA ALA A 75 -9.29 -15.11 -1.53
C ALA A 75 -8.13 -14.21 -1.96
N LEU A 76 -8.43 -13.08 -2.57
CA LEU A 76 -7.39 -12.13 -3.02
C LEU A 76 -6.73 -11.49 -1.80
N ASP A 77 -7.51 -11.10 -0.81
CA ASP A 77 -6.95 -10.32 0.32
C ASP A 77 -6.01 -11.22 1.14
N LEU A 78 -6.28 -12.53 1.21
CA LEU A 78 -5.45 -13.51 1.96
C LEU A 78 -4.31 -14.06 1.08
N GLY A 79 -4.26 -13.70 -0.20
CA GLY A 79 -3.25 -14.24 -1.13
C GLY A 79 -3.51 -15.68 -1.55
N VAL A 80 -4.71 -16.23 -1.31
CA VAL A 80 -5.12 -17.54 -1.90
C VAL A 80 -5.16 -17.40 -3.42
N VAL A 81 -5.56 -16.24 -3.92
CA VAL A 81 -5.46 -15.88 -5.36
C VAL A 81 -4.43 -14.74 -5.43
N LYS A 82 -3.37 -14.94 -6.20
CA LYS A 82 -2.28 -13.93 -6.34
C LYS A 82 -2.80 -12.73 -7.14
N ASP A 83 -3.45 -12.98 -8.26
CA ASP A 83 -3.95 -11.90 -9.14
C ASP A 83 -4.95 -12.54 -10.12
N GLU A 84 -5.52 -11.71 -10.98
CA GLU A 84 -6.62 -12.14 -11.90
C GLU A 84 -6.11 -13.02 -13.06
N HIS A 85 -4.80 -13.23 -13.20
CA HIS A 85 -4.19 -14.06 -14.26
C HIS A 85 -3.74 -15.43 -13.74
N GLN A 86 -3.65 -15.62 -12.43
CA GLN A 86 -3.18 -16.91 -11.88
C GLN A 86 -4.12 -18.00 -12.40
N VAL A 87 -3.55 -19.08 -12.91
CA VAL A 87 -4.34 -20.16 -13.57
C VAL A 87 -4.70 -21.18 -12.50
N PHE A 88 -5.96 -21.58 -12.45
CA PHE A 88 -6.45 -22.69 -11.58
C PHE A 88 -6.69 -23.86 -12.50
N LYS A 89 -5.79 -24.84 -12.46
CA LYS A 89 -5.81 -26.02 -13.39
C LYS A 89 -7.08 -26.84 -13.11
N TRP A 90 -7.79 -27.22 -14.16
CA TRP A 90 -8.88 -28.21 -14.10
C TRP A 90 -8.37 -29.46 -13.38
N ASP A 91 -9.15 -29.99 -12.44
CA ASP A 91 -8.77 -31.16 -11.60
C ASP A 91 -8.97 -32.46 -12.40
N GLY A 92 -9.36 -32.37 -13.66
CA GLY A 92 -9.52 -33.54 -14.54
C GLY A 92 -10.71 -34.41 -14.18
N GLN A 93 -11.66 -33.89 -13.37
CA GLN A 93 -12.99 -34.51 -13.09
C GLN A 93 -14.04 -33.89 -14.00
N THR A 94 -14.63 -34.70 -14.88
CA THR A 94 -15.63 -34.20 -15.86
C THR A 94 -16.90 -33.82 -15.10
N ARG A 95 -17.39 -32.58 -15.27
CA ARG A 95 -18.64 -32.11 -14.66
C ARG A 95 -19.63 -31.74 -15.75
N ASP A 96 -20.88 -31.55 -15.31
CA ASP A 96 -22.13 -31.20 -16.05
C ASP A 96 -21.90 -30.03 -17.00
N ILE A 97 -21.25 -28.96 -16.53
CA ILE A 97 -21.08 -27.70 -17.31
C ILE A 97 -19.74 -27.77 -18.07
N ALA A 98 -19.78 -27.86 -19.41
CA ALA A 98 -18.61 -28.04 -20.30
C ALA A 98 -17.53 -27.00 -19.99
N THR A 99 -17.91 -25.73 -19.82
CA THR A 99 -16.97 -24.60 -19.56
C THR A 99 -16.25 -24.81 -18.21
N TRP A 100 -16.72 -25.72 -17.34
CA TRP A 100 -16.00 -25.99 -16.08
C TRP A 100 -14.83 -26.95 -16.30
N ASN A 101 -14.82 -27.73 -17.38
CA ASN A 101 -13.81 -28.80 -17.56
C ASN A 101 -12.60 -28.25 -18.31
N ARG A 102 -11.98 -27.21 -17.75
CA ARG A 102 -10.87 -26.48 -18.39
C ARG A 102 -10.22 -25.58 -17.34
N ASP A 103 -9.04 -25.11 -17.69
CA ASP A 103 -8.26 -24.20 -16.84
C ASP A 103 -9.03 -22.89 -16.72
N HIS A 104 -8.93 -22.21 -15.59
CA HIS A 104 -9.55 -20.87 -15.41
C HIS A 104 -8.61 -19.91 -14.71
N ASN A 105 -8.86 -18.61 -14.92
CA ASN A 105 -8.33 -17.58 -13.99
C ASN A 105 -9.54 -16.95 -13.30
N LEU A 106 -9.31 -15.93 -12.48
CA LEU A 106 -10.45 -15.34 -11.73
C LEU A 106 -11.47 -14.77 -12.71
N ILE A 107 -11.04 -14.14 -13.79
CA ILE A 107 -11.97 -13.47 -14.75
C ILE A 107 -12.90 -14.56 -15.33
N THR A 108 -12.32 -15.64 -15.82
CA THR A 108 -13.14 -16.68 -16.49
C THR A 108 -13.91 -17.50 -15.43
N ALA A 109 -13.37 -17.73 -14.25
CA ALA A 109 -14.08 -18.48 -13.19
C ALA A 109 -15.36 -17.73 -12.78
N MET A 110 -15.31 -16.40 -12.72
N MET A 110 -15.30 -16.39 -12.72
CA MET A 110 -16.49 -15.57 -12.43
CA MET A 110 -16.51 -15.60 -12.39
C MET A 110 -17.45 -15.65 -13.61
C MET A 110 -17.45 -15.63 -13.59
N LYS A 111 -16.93 -15.48 -14.81
CA LYS A 111 -17.76 -15.40 -16.04
C LYS A 111 -18.59 -16.69 -16.18
N TYR A 112 -17.97 -17.84 -15.98
CA TYR A 112 -18.61 -19.15 -16.23
C TYR A 112 -19.08 -19.72 -14.89
N SER A 113 -18.92 -18.96 -13.80
CA SER A 113 -19.44 -19.33 -12.47
C SER A 113 -18.96 -20.73 -12.08
N VAL A 114 -17.65 -20.90 -12.05
CA VAL A 114 -17.00 -22.22 -11.96
C VAL A 114 -16.93 -22.65 -10.50
N VAL A 115 -17.90 -23.44 -10.07
CA VAL A 115 -18.03 -23.82 -8.63
C VAL A 115 -16.78 -24.50 -8.09
N PRO A 116 -16.17 -25.50 -8.77
CA PRO A 116 -15.04 -26.22 -8.18
C PRO A 116 -13.84 -25.32 -7.89
N VAL A 117 -13.61 -24.31 -8.72
CA VAL A 117 -12.54 -23.32 -8.41
C VAL A 117 -12.83 -22.62 -7.07
N TYR A 118 -14.05 -22.15 -6.87
CA TYR A 118 -14.46 -21.39 -5.68
C TYR A 118 -14.55 -22.32 -4.48
N GLN A 119 -14.85 -23.61 -4.69
CA GLN A 119 -14.83 -24.58 -3.57
C GLN A 119 -13.41 -24.69 -3.01
N GLU A 120 -12.43 -24.77 -3.88
CA GLU A 120 -11.01 -24.84 -3.48
C GLU A 120 -10.60 -23.56 -2.77
N PHE A 121 -10.98 -22.38 -3.27
CA PHE A 121 -10.70 -21.10 -2.56
C PHE A 121 -11.20 -21.22 -1.11
N ALA A 122 -12.46 -21.65 -0.93
CA ALA A 122 -13.13 -21.66 0.39
C ALA A 122 -12.38 -22.60 1.32
N ARG A 123 -11.94 -23.75 0.80
CA ARG A 123 -11.12 -24.72 1.59
C ARG A 123 -9.80 -24.07 2.03
N GLN A 124 -9.14 -23.31 1.15
CA GLN A 124 -7.84 -22.66 1.46
C GLN A 124 -8.08 -21.50 2.44
N ILE A 125 -9.19 -20.79 2.30
CA ILE A 125 -9.54 -19.71 3.25
C ILE A 125 -9.76 -20.35 4.63
N GLY A 126 -10.58 -21.39 4.70
CA GLY A 126 -10.92 -22.07 5.97
C GLY A 126 -12.00 -21.38 6.80
N GLU A 127 -12.64 -22.13 7.70
CA GLU A 127 -13.85 -21.71 8.48
C GLU A 127 -13.57 -20.45 9.27
N ALA A 128 -12.48 -20.40 10.04
CA ALA A 128 -12.20 -19.28 10.95
C ALA A 128 -12.10 -17.96 10.17
N ARG A 129 -11.29 -17.91 9.11
CA ARG A 129 -11.06 -16.65 8.34
C ARG A 129 -12.33 -16.30 7.55
N MET A 130 -13.03 -17.29 7.02
CA MET A 130 -14.27 -17.01 6.23
C MET A 130 -15.27 -16.32 7.15
N SER A 131 -15.45 -16.87 8.35
CA SER A 131 -16.45 -16.37 9.33
C SER A 131 -16.08 -14.93 9.72
N LYS A 132 -14.83 -14.68 10.06
CA LYS A 132 -14.42 -13.32 10.53
C LYS A 132 -14.62 -12.31 9.39
N MET A 133 -14.31 -12.70 8.16
N MET A 133 -14.30 -12.69 8.16
CA MET A 133 -14.37 -11.76 7.02
CA MET A 133 -14.37 -11.76 7.01
C MET A 133 -15.84 -11.46 6.68
C MET A 133 -15.84 -11.45 6.68
N LEU A 134 -16.73 -12.45 6.76
CA LEU A 134 -18.18 -12.18 6.51
C LEU A 134 -18.76 -11.27 7.59
N HIS A 135 -18.33 -11.40 8.85
CA HIS A 135 -18.71 -10.43 9.92
C HIS A 135 -18.17 -9.04 9.57
N ALA A 136 -16.90 -8.97 9.18
CA ALA A 136 -16.22 -7.70 8.82
C ALA A 136 -16.98 -7.03 7.67
N PHE A 137 -17.50 -7.83 6.73
CA PHE A 137 -18.28 -7.32 5.57
C PHE A 137 -19.75 -7.02 5.92
N ASP A 138 -20.23 -7.43 7.11
CA ASP A 138 -21.65 -7.29 7.53
C ASP A 138 -22.51 -8.02 6.49
N TYR A 139 -22.03 -9.14 5.98
CA TYR A 139 -22.65 -9.87 4.83
C TYR A 139 -23.78 -10.77 5.32
N GLY A 140 -25.00 -10.38 4.99
CA GLY A 140 -26.22 -11.14 5.29
C GLY A 140 -26.30 -11.51 6.75
N ASN A 141 -26.61 -12.77 7.03
CA ASN A 141 -26.73 -13.25 8.43
C ASN A 141 -25.36 -13.65 8.95
N GLU A 142 -24.31 -13.58 8.11
CA GLU A 142 -22.90 -13.86 8.52
C GLU A 142 -22.72 -15.31 9.01
N ASP A 143 -23.64 -16.21 8.71
CA ASP A 143 -23.67 -17.57 9.30
C ASP A 143 -23.08 -18.56 8.30
N ILE A 144 -21.91 -19.15 8.57
CA ILE A 144 -21.28 -20.09 7.61
C ILE A 144 -21.56 -21.54 8.00
N SER A 145 -22.60 -21.83 8.78
CA SER A 145 -22.84 -23.23 9.25
C SER A 145 -23.03 -24.15 8.02
N GLY A 146 -22.45 -25.33 8.10
CA GLY A 146 -22.40 -26.32 7.01
C GLY A 146 -20.96 -26.59 6.60
N ASN A 147 -20.78 -27.12 5.41
CA ASN A 147 -19.44 -27.44 4.87
C ASN A 147 -18.80 -26.14 4.37
N VAL A 148 -17.53 -25.97 4.66
CA VAL A 148 -16.80 -24.72 4.29
C VAL A 148 -16.80 -24.54 2.78
N ASP A 149 -16.91 -25.64 1.99
CA ASP A 149 -16.89 -25.57 0.51
C ASP A 149 -18.30 -25.64 -0.06
N SER A 150 -19.36 -25.50 0.74
CA SER A 150 -20.72 -25.50 0.17
C SER A 150 -21.74 -24.68 0.96
N PHE A 151 -21.39 -23.97 2.03
CA PHE A 151 -22.43 -23.36 2.92
C PHE A 151 -23.28 -22.32 2.17
N TRP A 152 -22.75 -21.70 1.10
CA TRP A 152 -23.50 -20.68 0.31
C TRP A 152 -24.51 -21.36 -0.62
N LEU A 153 -24.47 -22.68 -0.73
CA LEU A 153 -25.42 -23.48 -1.55
C LEU A 153 -26.37 -24.29 -0.66
N ASP A 154 -25.92 -24.83 0.47
CA ASP A 154 -26.81 -25.67 1.31
C ASP A 154 -26.51 -25.54 2.80
N GLY A 155 -25.92 -24.43 3.22
CA GLY A 155 -25.56 -24.16 4.62
C GLY A 155 -26.45 -23.11 5.23
N GLY A 156 -25.93 -22.39 6.21
CA GLY A 156 -26.73 -21.48 7.07
C GLY A 156 -26.79 -20.05 6.53
N ILE A 157 -25.97 -19.70 5.55
CA ILE A 157 -25.85 -18.28 5.13
C ILE A 157 -27.11 -17.87 4.35
N ARG A 158 -27.57 -16.64 4.61
CA ARG A 158 -28.79 -16.06 3.99
C ARG A 158 -28.55 -14.57 3.80
N ILE A 159 -29.05 -14.03 2.72
CA ILE A 159 -28.91 -12.58 2.42
C ILE A 159 -30.14 -12.15 1.66
N SER A 160 -30.60 -10.93 1.95
CA SER A 160 -31.71 -10.29 1.20
C SER A 160 -31.19 -9.44 0.04
N ALA A 161 -32.10 -9.06 -0.84
CA ALA A 161 -31.82 -8.13 -1.92
C ALA A 161 -31.33 -6.78 -1.36
N THR A 162 -31.93 -6.28 -0.28
CA THR A 162 -31.47 -4.99 0.31
C THR A 162 -30.08 -5.16 0.92
N GLU A 163 -29.81 -6.32 1.51
CA GLU A 163 -28.48 -6.58 2.11
C GLU A 163 -27.42 -6.77 0.98
N GLN A 164 -27.78 -7.32 -0.17
CA GLN A 164 -26.87 -7.39 -1.33
C GLN A 164 -26.49 -5.95 -1.74
N ILE A 165 -27.48 -5.05 -1.85
CA ILE A 165 -27.24 -3.65 -2.24
C ILE A 165 -26.24 -3.01 -1.26
N SER A 166 -26.42 -3.19 0.04
N SER A 166 -26.49 -3.16 0.04
CA SER A 166 -25.59 -2.54 1.09
CA SER A 166 -25.64 -2.63 1.12
C SER A 166 -24.14 -3.04 1.00
C SER A 166 -24.18 -3.02 0.85
N PHE A 167 -23.96 -4.33 0.73
CA PHE A 167 -22.63 -4.93 0.49
C PHE A 167 -21.99 -4.36 -0.78
N LEU A 168 -22.73 -4.33 -1.89
CA LEU A 168 -22.20 -3.87 -3.16
C LEU A 168 -21.85 -2.38 -3.10
N ARG A 169 -22.66 -1.56 -2.40
CA ARG A 169 -22.30 -0.12 -2.27
C ARG A 169 -20.91 0.03 -1.62
N LYS A 170 -20.64 -0.76 -0.59
CA LYS A 170 -19.33 -0.76 0.10
C LYS A 170 -18.21 -1.18 -0.86
N LEU A 171 -18.44 -2.22 -1.64
CA LEU A 171 -17.47 -2.65 -2.67
C LEU A 171 -17.21 -1.51 -3.67
N TYR A 172 -18.28 -0.88 -4.18
CA TYR A 172 -18.18 0.17 -5.20
C TYR A 172 -17.26 1.29 -4.68
N HIS A 173 -17.39 1.61 -3.39
CA HIS A 173 -16.70 2.77 -2.74
C HIS A 173 -15.36 2.33 -2.13
N ASN A 174 -14.93 1.09 -2.33
CA ASN A 174 -13.69 0.54 -1.72
C ASN A 174 -13.72 0.65 -0.20
N LYS A 175 -14.90 0.47 0.41
CA LYS A 175 -15.09 0.68 1.85
C LYS A 175 -15.09 -0.67 2.58
N LEU A 176 -15.03 -1.80 1.87
CA LEU A 176 -14.91 -3.09 2.58
C LEU A 176 -13.55 -3.17 3.28
N HIS A 177 -13.48 -3.99 4.34
CA HIS A 177 -12.27 -4.20 5.18
C HIS A 177 -11.37 -5.25 4.51
N VAL A 178 -11.03 -5.04 3.25
CA VAL A 178 -9.92 -5.72 2.52
C VAL A 178 -9.19 -4.62 1.74
N SER A 179 -8.08 -4.95 1.09
CA SER A 179 -7.25 -3.96 0.36
C SER A 179 -8.08 -3.29 -0.74
N GLU A 180 -7.73 -2.07 -1.12
CA GLU A 180 -8.30 -1.42 -2.33
C GLU A 180 -8.04 -2.33 -3.53
N ARG A 181 -6.84 -2.88 -3.64
CA ARG A 181 -6.43 -3.74 -4.78
C ARG A 181 -7.41 -4.93 -4.93
N SER A 182 -7.69 -5.63 -3.83
CA SER A 182 -8.67 -6.78 -3.79
C SER A 182 -10.01 -6.31 -4.37
N GLN A 183 -10.47 -5.14 -3.96
CA GLN A 183 -11.81 -4.62 -4.38
C GLN A 183 -11.76 -4.26 -5.86
N ARG A 184 -10.68 -3.62 -6.31
CA ARG A 184 -10.53 -3.21 -7.73
C ARG A 184 -10.50 -4.48 -8.60
N ILE A 185 -9.75 -5.49 -8.19
CA ILE A 185 -9.68 -6.76 -8.98
C ILE A 185 -11.08 -7.38 -9.07
N VAL A 186 -11.83 -7.46 -7.98
CA VAL A 186 -13.15 -8.17 -8.03
C VAL A 186 -14.10 -7.36 -8.92
N LYS A 187 -14.08 -6.02 -8.87
CA LYS A 187 -14.93 -5.18 -9.74
C LYS A 187 -14.57 -5.43 -11.21
N GLN A 188 -13.28 -5.55 -11.52
CA GLN A 188 -12.88 -5.92 -12.89
C GLN A 188 -13.57 -7.26 -13.23
N ALA A 189 -13.44 -8.25 -12.36
CA ALA A 189 -13.95 -9.62 -12.61
C ALA A 189 -15.48 -9.63 -12.74
N MET A 190 -16.17 -8.64 -12.18
CA MET A 190 -17.65 -8.57 -12.23
C MET A 190 -18.10 -7.98 -13.56
N LEU A 191 -17.17 -7.49 -14.37
CA LEU A 191 -17.58 -6.74 -15.60
C LEU A 191 -18.43 -7.70 -16.45
N THR A 192 -19.62 -7.25 -16.88
CA THR A 192 -20.61 -8.09 -17.60
C THR A 192 -20.91 -7.47 -18.96
N GLU A 193 -21.08 -6.16 -19.00
CA GLU A 193 -21.49 -5.45 -20.22
C GLU A 193 -20.98 -4.01 -20.17
N ALA A 194 -20.52 -3.51 -21.30
CA ALA A 194 -20.08 -2.12 -21.44
C ALA A 194 -20.30 -1.67 -22.88
N ASN A 195 -20.77 -0.44 -23.00
CA ASN A 195 -20.95 0.25 -24.29
C ASN A 195 -20.86 1.75 -24.01
N GLY A 196 -21.09 2.57 -25.05
CA GLY A 196 -21.12 4.03 -24.92
C GLY A 196 -22.23 4.55 -24.02
N ASP A 197 -23.19 3.75 -23.55
CA ASP A 197 -24.31 4.24 -22.69
C ASP A 197 -24.15 3.85 -21.20
N TYR A 198 -23.63 2.67 -20.92
CA TYR A 198 -23.52 2.22 -19.51
C TYR A 198 -22.51 1.07 -19.43
N ILE A 199 -22.13 0.81 -18.18
CA ILE A 199 -21.30 -0.37 -17.77
C ILE A 199 -22.12 -1.11 -16.70
N ILE A 200 -22.24 -2.42 -16.86
CA ILE A 200 -22.84 -3.28 -15.81
C ILE A 200 -21.75 -4.19 -15.25
N ARG A 201 -21.62 -4.12 -13.94
CA ARG A 201 -20.78 -5.05 -13.15
C ARG A 201 -21.72 -5.83 -12.23
N ALA A 202 -21.73 -7.15 -12.33
CA ALA A 202 -22.81 -7.94 -11.69
C ALA A 202 -22.38 -9.39 -11.55
N LYS A 203 -23.21 -10.15 -10.83
CA LYS A 203 -23.03 -11.61 -10.70
C LYS A 203 -24.40 -12.27 -10.60
N THR A 204 -24.61 -13.28 -11.45
CA THR A 204 -25.82 -14.15 -11.41
C THR A 204 -25.69 -15.21 -10.31
N GLY A 205 -26.83 -15.76 -9.91
CA GLY A 205 -26.88 -16.95 -9.08
C GLY A 205 -28.14 -17.75 -9.26
N TYR A 206 -28.09 -18.99 -8.80
CA TYR A 206 -29.19 -19.97 -8.96
C TYR A 206 -29.13 -20.92 -7.76
N SER A 207 -30.03 -20.70 -6.81
CA SER A 207 -30.11 -21.49 -5.56
C SER A 207 -31.11 -22.62 -5.79
N THR A 208 -30.67 -23.87 -5.77
CA THR A 208 -31.55 -25.02 -6.13
C THR A 208 -31.67 -26.03 -4.99
N ARG A 209 -30.90 -25.95 -3.92
CA ARG A 209 -30.77 -27.09 -2.96
C ARG A 209 -31.77 -26.97 -1.81
N ILE A 210 -32.32 -25.79 -1.56
CA ILE A 210 -33.37 -25.62 -0.53
C ILE A 210 -34.46 -24.81 -1.21
N GLU A 211 -35.70 -25.05 -0.85
CA GLU A 211 -36.84 -24.31 -1.42
C GLU A 211 -36.89 -22.95 -0.74
N PRO A 212 -37.43 -21.90 -1.41
CA PRO A 212 -37.84 -22.00 -2.81
C PRO A 212 -36.60 -21.87 -3.71
N LYS A 213 -36.63 -22.53 -4.85
CA LYS A 213 -35.54 -22.34 -5.85
C LYS A 213 -35.67 -20.93 -6.39
N ILE A 214 -34.57 -20.19 -6.39
CA ILE A 214 -34.57 -18.78 -6.85
C ILE A 214 -33.38 -18.50 -7.76
N GLY A 215 -33.57 -17.54 -8.64
CA GLY A 215 -32.48 -16.91 -9.42
C GLY A 215 -32.15 -15.56 -8.84
N TRP A 216 -30.88 -15.16 -8.90
CA TRP A 216 -30.39 -13.84 -8.47
C TRP A 216 -29.71 -13.14 -9.64
N TRP A 217 -29.76 -11.83 -9.63
CA TRP A 217 -28.80 -10.99 -10.38
C TRP A 217 -28.57 -9.77 -9.52
N VAL A 218 -27.32 -9.54 -9.14
CA VAL A 218 -26.96 -8.40 -8.24
C VAL A 218 -25.76 -7.69 -8.84
N GLY A 219 -25.72 -6.37 -8.69
CA GLY A 219 -24.63 -5.57 -9.23
C GLY A 219 -25.00 -4.12 -9.35
N TRP A 220 -24.50 -3.48 -10.38
CA TRP A 220 -24.75 -2.04 -10.60
C TRP A 220 -24.57 -1.66 -12.05
N VAL A 221 -25.19 -0.54 -12.38
CA VAL A 221 -25.08 0.16 -13.67
C VAL A 221 -24.35 1.47 -13.42
N GLU A 222 -23.20 1.63 -14.07
CA GLU A 222 -22.43 2.90 -14.03
C GLU A 222 -22.88 3.74 -15.22
N LEU A 223 -23.36 4.93 -14.92
CA LEU A 223 -23.63 5.96 -15.96
C LEU A 223 -22.56 7.06 -15.86
N ASP A 224 -22.59 8.04 -16.76
CA ASP A 224 -21.62 9.16 -16.72
C ASP A 224 -21.65 9.87 -15.37
N ASP A 225 -22.82 10.14 -14.78
CA ASP A 225 -22.83 10.97 -13.55
C ASP A 225 -23.71 10.34 -12.46
N ASN A 226 -23.98 9.05 -12.53
CA ASN A 226 -24.61 8.36 -11.39
C ASN A 226 -24.29 6.86 -11.44
N VAL A 227 -24.64 6.15 -10.38
N VAL A 227 -24.63 6.17 -10.36
CA VAL A 227 -24.60 4.67 -10.36
CA VAL A 227 -24.58 4.68 -10.23
C VAL A 227 -25.89 4.17 -9.71
C VAL A 227 -25.93 4.20 -9.70
N TRP A 228 -26.51 3.19 -10.35
CA TRP A 228 -27.74 2.52 -9.89
C TRP A 228 -27.39 1.10 -9.47
N PHE A 229 -27.46 0.82 -8.18
CA PHE A 229 -27.23 -0.54 -7.66
C PHE A 229 -28.52 -1.32 -7.87
N PHE A 230 -28.40 -2.63 -8.09
CA PHE A 230 -29.58 -3.47 -8.24
C PHE A 230 -29.35 -4.83 -7.61
N ALA A 231 -30.45 -5.40 -7.16
CA ALA A 231 -30.49 -6.78 -6.66
C ALA A 231 -31.88 -7.33 -6.96
N MET A 232 -31.90 -8.44 -7.66
CA MET A 232 -33.18 -9.11 -8.02
C MET A 232 -33.09 -10.57 -7.63
N ASN A 233 -34.20 -11.11 -7.16
CA ASN A 233 -34.35 -12.58 -7.07
C ASN A 233 -35.76 -12.91 -7.54
N MET A 234 -35.89 -14.13 -8.02
CA MET A 234 -37.15 -14.58 -8.66
C MET A 234 -37.27 -16.07 -8.49
N ASP A 235 -38.50 -16.53 -8.33
CA ASP A 235 -38.76 -17.98 -8.26
C ASP A 235 -38.22 -18.60 -9.56
N MET A 236 -37.55 -19.74 -9.44
CA MET A 236 -36.88 -20.39 -10.60
C MET A 236 -37.13 -21.89 -10.52
N PRO A 237 -38.37 -22.36 -10.77
CA PRO A 237 -38.68 -23.78 -10.61
C PRO A 237 -37.83 -24.70 -11.50
N THR A 238 -37.45 -24.23 -12.70
CA THR A 238 -36.50 -24.94 -13.60
C THR A 238 -35.48 -23.96 -14.21
N SER A 239 -34.44 -24.50 -14.81
CA SER A 239 -33.34 -23.73 -15.46
C SER A 239 -33.84 -23.01 -16.71
N ASP A 240 -35.03 -23.35 -17.22
CA ASP A 240 -35.63 -22.75 -18.46
C ASP A 240 -35.73 -21.22 -18.33
N GLY A 241 -36.04 -20.72 -17.13
CA GLY A 241 -36.33 -19.30 -16.90
C GLY A 241 -35.09 -18.48 -16.57
N LEU A 242 -33.87 -19.04 -16.62
CA LEU A 242 -32.68 -18.34 -16.05
C LEU A 242 -32.41 -17.02 -16.76
N GLY A 243 -32.68 -16.91 -18.07
CA GLY A 243 -32.44 -15.68 -18.83
C GLY A 243 -33.31 -14.54 -18.34
N LEU A 244 -34.39 -14.81 -17.61
CA LEU A 244 -35.32 -13.78 -17.10
C LEU A 244 -34.66 -12.96 -15.98
N ARG A 245 -33.66 -13.50 -15.30
CA ARG A 245 -32.93 -12.72 -14.25
C ARG A 245 -32.46 -11.39 -14.86
N GLN A 246 -31.75 -11.46 -15.98
CA GLN A 246 -31.25 -10.25 -16.66
C GLN A 246 -32.39 -9.55 -17.41
N ALA A 247 -33.25 -10.33 -18.08
CA ALA A 247 -34.30 -9.74 -18.95
C ALA A 247 -35.23 -8.88 -18.11
N ILE A 248 -35.70 -9.37 -16.97
CA ILE A 248 -36.63 -8.59 -16.10
C ILE A 248 -35.91 -7.38 -15.52
N THR A 249 -34.69 -7.54 -14.99
CA THR A 249 -33.95 -6.37 -14.46
C THR A 249 -33.84 -5.30 -15.55
N LYS A 250 -33.46 -5.68 -16.75
CA LYS A 250 -33.29 -4.71 -17.87
C LYS A 250 -34.63 -4.05 -18.24
N GLU A 251 -35.75 -4.78 -18.17
CA GLU A 251 -37.11 -4.19 -18.43
C GLU A 251 -37.36 -3.10 -17.39
N VAL A 252 -37.00 -3.32 -16.12
CA VAL A 252 -37.15 -2.28 -15.05
C VAL A 252 -36.19 -1.12 -15.35
N LEU A 253 -34.91 -1.40 -15.66
CA LEU A 253 -33.93 -0.32 -15.94
C LEU A 253 -34.40 0.52 -17.13
N LYS A 254 -34.99 -0.12 -18.15
CA LYS A 254 -35.51 0.58 -19.37
C LYS A 254 -36.73 1.46 -19.01
N GLN A 255 -37.67 0.94 -18.21
CA GLN A 255 -38.84 1.70 -17.72
C GLN A 255 -38.36 2.97 -17.03
N GLU A 256 -37.31 2.88 -16.21
CA GLU A 256 -36.90 4.01 -15.34
C GLU A 256 -35.92 4.91 -16.09
N LYS A 257 -35.70 4.65 -17.38
CA LYS A 257 -34.85 5.45 -18.30
C LYS A 257 -33.40 5.45 -17.81
N ILE A 258 -32.94 4.35 -17.18
CA ILE A 258 -31.54 4.20 -16.67
C ILE A 258 -30.66 3.71 -17.82
N ILE A 259 -31.16 2.81 -18.66
CA ILE A 259 -30.50 2.38 -19.92
C ILE A 259 -31.51 2.63 -21.03
N PRO A 260 -31.08 2.70 -22.31
CA PRO A 260 -32.02 2.81 -23.42
C PRO A 260 -32.62 1.43 -23.80
N GLU B 19 8.48 -12.29 -34.40
CA GLU B 19 8.11 -12.53 -35.83
C GLU B 19 6.99 -11.57 -36.25
N TRP B 20 6.97 -11.22 -37.54
CA TRP B 20 5.97 -10.33 -38.16
C TRP B 20 5.53 -10.94 -39.49
N GLN B 21 4.26 -10.74 -39.85
CA GLN B 21 3.73 -11.19 -41.16
C GLN B 21 2.86 -10.08 -41.73
N GLU B 22 2.94 -9.92 -43.04
CA GLU B 22 2.09 -8.96 -43.77
C GLU B 22 0.92 -9.75 -44.35
N ASN B 23 -0.27 -9.19 -44.26
CA ASN B 23 -1.51 -9.76 -44.82
C ASN B 23 -2.15 -8.67 -45.66
N LYS B 24 -1.78 -8.62 -46.94
CA LYS B 24 -2.27 -7.58 -47.88
C LYS B 24 -3.79 -7.71 -48.03
N SER B 25 -4.39 -8.87 -47.74
CA SER B 25 -5.86 -9.06 -47.91
C SER B 25 -6.63 -8.02 -47.07
N TRP B 26 -6.07 -7.54 -45.95
CA TRP B 26 -6.77 -6.51 -45.13
C TRP B 26 -6.86 -5.17 -45.87
N ASN B 27 -6.06 -4.94 -46.91
CA ASN B 27 -6.17 -3.71 -47.73
C ASN B 27 -7.59 -3.55 -48.29
N ALA B 28 -8.28 -4.66 -48.52
CA ALA B 28 -9.67 -4.69 -49.05
C ALA B 28 -10.62 -3.87 -48.14
N HIS B 29 -10.43 -3.94 -46.80
CA HIS B 29 -11.28 -3.22 -45.82
C HIS B 29 -10.99 -1.70 -45.90
N PHE B 30 -9.77 -1.32 -46.28
CA PHE B 30 -9.40 0.11 -46.51
C PHE B 30 -9.95 0.59 -47.86
N THR B 31 -9.71 -0.20 -48.92
CA THR B 31 -10.19 0.08 -50.30
C THR B 31 -11.70 0.31 -50.28
N GLU B 32 -12.46 -0.61 -49.69
CA GLU B 32 -13.94 -0.59 -49.72
C GLU B 32 -14.46 0.74 -49.17
N HIS B 33 -13.74 1.39 -48.25
CA HIS B 33 -14.18 2.69 -47.65
C HIS B 33 -13.40 3.87 -48.26
N LYS B 34 -12.65 3.62 -49.34
CA LYS B 34 -11.89 4.63 -50.14
C LYS B 34 -10.85 5.30 -49.22
N SER B 35 -10.00 4.47 -48.60
CA SER B 35 -9.18 4.84 -47.42
C SER B 35 -7.77 4.22 -47.47
N GLN B 36 -6.82 4.88 -46.81
CA GLN B 36 -5.41 4.45 -46.69
C GLN B 36 -5.09 4.37 -45.19
N GLY B 37 -4.39 3.34 -44.78
CA GLY B 37 -3.90 3.23 -43.41
C GLY B 37 -3.38 1.85 -43.14
N VAL B 38 -3.21 1.56 -41.85
CA VAL B 38 -2.54 0.33 -41.36
C VAL B 38 -3.33 -0.15 -40.13
N VAL B 39 -3.45 -1.45 -40.04
CA VAL B 39 -3.92 -2.16 -38.82
C VAL B 39 -2.77 -3.06 -38.43
N VAL B 40 -2.36 -2.99 -37.18
CA VAL B 40 -1.36 -3.89 -36.58
C VAL B 40 -2.06 -4.69 -35.48
N LEU B 41 -1.89 -6.01 -35.51
CA LEU B 41 -2.43 -6.94 -34.48
C LEU B 41 -1.25 -7.65 -33.87
N TRP B 42 -1.34 -7.95 -32.58
CA TRP B 42 -0.36 -8.76 -31.87
C TRP B 42 -1.10 -9.81 -31.07
N ASN B 43 -0.76 -11.06 -31.36
CA ASN B 43 -1.25 -12.28 -30.67
C ASN B 43 -0.36 -12.53 -29.45
N GLU B 44 -0.87 -12.25 -28.26
CA GLU B 44 -0.01 -12.34 -27.04
C GLU B 44 0.42 -13.78 -26.74
N ASN B 45 -0.44 -14.77 -26.90
CA ASN B 45 -0.04 -16.19 -26.62
C ASN B 45 1.04 -16.64 -27.59
N LYS B 46 0.89 -16.36 -28.88
CA LYS B 46 1.82 -16.86 -29.93
C LYS B 46 3.05 -15.95 -30.03
N GLN B 47 2.97 -14.73 -29.50
CA GLN B 47 4.03 -13.69 -29.67
C GLN B 47 4.28 -13.47 -31.16
N GLN B 48 3.25 -13.14 -31.91
CA GLN B 48 3.32 -12.93 -33.37
C GLN B 48 2.50 -11.71 -33.72
N GLY B 49 3.02 -10.90 -34.64
CA GLY B 49 2.40 -9.69 -35.16
C GLY B 49 1.91 -9.90 -36.59
N PHE B 50 0.90 -9.16 -36.97
CA PHE B 50 0.30 -9.16 -38.32
C PHE B 50 -0.08 -7.73 -38.67
N THR B 51 0.06 -7.35 -39.94
CA THR B 51 -0.26 -5.99 -40.41
C THR B 51 -0.56 -6.06 -41.91
N ASN B 52 -1.36 -5.12 -42.42
CA ASN B 52 -1.58 -5.01 -43.89
C ASN B 52 -0.39 -4.28 -44.56
N ASN B 53 0.49 -3.61 -43.78
CA ASN B 53 1.55 -2.71 -44.32
C ASN B 53 2.68 -2.58 -43.30
N LEU B 54 3.72 -3.40 -43.42
CA LEU B 54 4.87 -3.41 -42.48
C LEU B 54 5.53 -2.02 -42.44
N LYS B 55 5.66 -1.32 -43.56
CA LYS B 55 6.33 0.01 -43.54
C LYS B 55 5.51 0.98 -42.70
N ARG B 56 4.20 1.05 -42.95
CA ARG B 56 3.33 2.02 -42.27
C ARG B 56 3.21 1.61 -40.79
N ALA B 57 3.37 0.32 -40.48
CA ALA B 57 3.27 -0.19 -39.07
C ALA B 57 4.38 0.49 -38.27
N ASN B 58 5.50 0.83 -38.92
CA ASN B 58 6.70 1.41 -38.25
C ASN B 58 6.81 2.92 -38.53
N GLN B 59 5.85 3.53 -39.22
CA GLN B 59 5.82 4.98 -39.45
C GLN B 59 5.37 5.68 -38.15
N ALA B 60 6.15 6.62 -37.66
CA ALA B 60 5.83 7.33 -36.41
C ALA B 60 5.06 8.62 -36.70
N PHE B 61 3.96 8.82 -36.00
CA PHE B 61 3.08 10.01 -36.08
C PHE B 61 2.87 10.63 -34.69
N LEU B 62 2.31 11.83 -34.65
CA LEU B 62 1.78 12.46 -33.43
C LEU B 62 0.70 11.53 -32.87
N PRO B 63 0.76 11.23 -31.56
CA PRO B 63 -0.21 10.31 -30.96
C PRO B 63 -1.58 10.94 -30.74
N ALA B 64 -1.63 12.29 -30.67
CA ALA B 64 -2.84 13.09 -30.38
C ALA B 64 -3.54 12.42 -29.19
N SER B 65 -4.84 12.16 -29.30
CA SER B 65 -5.62 11.79 -28.10
C SER B 65 -5.23 10.42 -27.53
N THR B 66 -4.46 9.61 -28.24
CA THR B 66 -4.00 8.31 -27.70
C THR B 66 -3.02 8.60 -26.59
N PHE B 67 -2.48 9.82 -26.58
CA PHE B 67 -1.52 10.22 -25.51
C PHE B 67 -2.23 10.28 -24.15
N LYS B 68 -3.55 10.35 -24.11
CA LYS B 68 -4.32 10.36 -22.86
C LYS B 68 -3.96 9.12 -22.03
N ILE B 69 -3.54 8.03 -22.65
CA ILE B 69 -3.17 6.82 -21.90
C ILE B 69 -1.93 7.15 -21.06
N PRO B 70 -0.75 7.50 -21.63
CA PRO B 70 0.39 7.81 -20.75
C PRO B 70 0.14 9.03 -19.86
N ASN B 71 -0.55 10.03 -20.38
CA ASN B 71 -0.85 11.27 -19.61
C ASN B 71 -1.61 10.90 -18.32
N SER B 72 -2.63 10.04 -18.38
CA SER B 72 -3.42 9.57 -17.21
C SER B 72 -2.51 8.84 -16.24
N LEU B 73 -1.67 7.95 -16.76
CA LEU B 73 -0.79 7.12 -15.90
C LEU B 73 0.08 8.04 -15.07
N ILE B 74 0.70 9.01 -15.74
CA ILE B 74 1.65 9.93 -15.06
C ILE B 74 0.90 10.77 -14.02
N ALA B 75 -0.26 11.31 -14.41
CA ALA B 75 -1.10 12.16 -13.54
C ALA B 75 -1.52 11.37 -12.30
N LEU B 76 -1.88 10.09 -12.47
CA LEU B 76 -2.29 9.26 -11.31
C LEU B 76 -1.04 8.97 -10.47
N ASP B 77 0.09 8.65 -11.09
CA ASP B 77 1.24 8.17 -10.29
C ASP B 77 1.78 9.34 -9.48
N LEU B 78 1.69 10.56 -10.00
CA LEU B 78 2.22 11.79 -9.34
C LEU B 78 1.22 12.36 -8.32
N GLY B 79 -0.04 11.93 -8.31
CA GLY B 79 -1.06 12.48 -7.41
C GLY B 79 -1.74 13.72 -7.96
N VAL B 80 -1.49 14.07 -9.21
CA VAL B 80 -2.23 15.17 -9.91
C VAL B 80 -3.69 14.77 -10.04
N VAL B 81 -3.95 13.48 -10.26
CA VAL B 81 -5.31 12.87 -10.19
C VAL B 81 -5.28 11.91 -9.01
N LYS B 82 -6.18 12.09 -8.03
CA LYS B 82 -6.18 11.28 -6.79
C LYS B 82 -6.84 9.93 -7.09
N ASP B 83 -7.92 9.93 -7.86
CA ASP B 83 -8.59 8.67 -8.21
C ASP B 83 -9.54 8.96 -9.36
N GLU B 84 -10.24 7.93 -9.83
CA GLU B 84 -11.12 8.01 -11.01
C GLU B 84 -12.44 8.74 -10.71
N HIS B 85 -12.70 9.17 -9.48
CA HIS B 85 -13.94 9.92 -9.06
C HIS B 85 -13.66 11.43 -8.93
N GLN B 86 -12.41 11.81 -8.76
CA GLN B 86 -12.06 13.24 -8.56
C GLN B 86 -12.67 14.04 -9.70
N VAL B 87 -13.33 15.15 -9.36
CA VAL B 87 -14.05 15.97 -10.35
C VAL B 87 -13.13 17.11 -10.82
N PHE B 88 -13.02 17.27 -12.13
CA PHE B 88 -12.33 18.40 -12.81
C PHE B 88 -13.42 19.32 -13.37
N LYS B 89 -13.68 20.41 -12.65
CA LYS B 89 -14.74 21.39 -12.96
C LYS B 89 -14.43 22.04 -14.31
N TRP B 90 -15.45 22.14 -15.17
CA TRP B 90 -15.44 22.96 -16.41
C TRP B 90 -14.90 24.35 -16.08
N ASP B 91 -13.97 24.88 -16.90
CA ASP B 91 -13.32 26.20 -16.64
C ASP B 91 -14.28 27.35 -17.05
N GLY B 92 -15.40 27.02 -17.71
CA GLY B 92 -16.45 28.00 -18.10
C GLY B 92 -16.27 28.47 -19.54
N GLN B 93 -15.14 28.14 -20.17
CA GLN B 93 -14.87 28.47 -21.58
C GLN B 93 -15.67 27.50 -22.46
N THR B 94 -16.64 28.02 -23.19
CA THR B 94 -17.50 27.25 -24.12
C THR B 94 -16.64 26.82 -25.31
N ARG B 95 -16.60 25.52 -25.60
CA ARG B 95 -15.78 24.95 -26.69
C ARG B 95 -16.69 24.25 -27.70
N ASP B 96 -16.14 23.91 -28.85
CA ASP B 96 -16.83 23.31 -30.02
C ASP B 96 -17.47 21.96 -29.68
N ILE B 97 -16.84 21.14 -28.83
CA ILE B 97 -17.39 19.80 -28.46
C ILE B 97 -18.25 19.97 -27.19
N ALA B 98 -19.57 19.78 -27.33
CA ALA B 98 -20.58 20.06 -26.28
C ALA B 98 -20.24 19.29 -24.99
N THR B 99 -19.79 18.05 -25.12
CA THR B 99 -19.50 17.13 -23.99
C THR B 99 -18.33 17.65 -23.16
N TRP B 100 -17.53 18.57 -23.71
CA TRP B 100 -16.37 19.15 -22.99
C TRP B 100 -16.85 20.27 -22.07
N ASN B 101 -18.05 20.79 -22.28
CA ASN B 101 -18.52 22.01 -21.54
C ASN B 101 -19.31 21.56 -20.31
N ARG B 102 -18.68 20.77 -19.45
CA ARG B 102 -19.32 20.18 -18.24
C ARG B 102 -18.20 19.63 -17.34
N ASP B 103 -18.54 19.33 -16.09
CA ASP B 103 -17.61 18.69 -15.12
C ASP B 103 -17.29 17.28 -15.63
N HIS B 104 -16.08 16.79 -15.33
CA HIS B 104 -15.65 15.42 -15.70
C HIS B 104 -14.80 14.80 -14.60
N ASN B 105 -14.74 13.47 -14.61
CA ASN B 105 -13.77 12.70 -13.83
C ASN B 105 -12.89 11.97 -14.85
N LEU B 106 -11.98 11.12 -14.40
CA LEU B 106 -11.04 10.46 -15.34
C LEU B 106 -11.81 9.61 -16.33
N ILE B 107 -12.84 8.91 -15.87
CA ILE B 107 -13.59 7.95 -16.71
C ILE B 107 -14.26 8.76 -17.82
N THR B 108 -14.99 9.83 -17.51
CA THR B 108 -15.74 10.59 -18.58
C THR B 108 -14.73 11.38 -19.42
N ALA B 109 -13.67 11.88 -18.83
CA ALA B 109 -12.65 12.67 -19.58
C ALA B 109 -12.02 11.80 -20.69
N MET B 110 -11.74 10.52 -20.39
N MET B 110 -11.77 10.52 -20.42
CA MET B 110 -11.24 9.55 -21.39
CA MET B 110 -11.21 9.61 -21.46
C MET B 110 -12.33 9.30 -22.43
C MET B 110 -12.33 9.25 -22.44
N LYS B 111 -13.56 9.03 -21.96
CA LYS B 111 -14.69 8.63 -22.84
C LYS B 111 -14.98 9.71 -23.88
N TYR B 112 -15.02 10.97 -23.45
CA TYR B 112 -15.34 12.12 -24.33
C TYR B 112 -14.04 12.77 -24.81
N SER B 113 -12.87 12.25 -24.40
CA SER B 113 -11.56 12.71 -24.92
C SER B 113 -11.45 14.23 -24.69
N VAL B 114 -11.62 14.62 -23.45
CA VAL B 114 -11.72 16.05 -23.03
C VAL B 114 -10.33 16.67 -22.95
N VAL B 115 -9.87 17.26 -24.04
CA VAL B 115 -8.49 17.82 -24.16
C VAL B 115 -8.20 18.78 -23.01
N PRO B 116 -9.05 19.79 -22.70
CA PRO B 116 -8.70 20.78 -21.69
C PRO B 116 -8.37 20.20 -20.30
N VAL B 117 -9.06 19.13 -19.91
CA VAL B 117 -8.75 18.40 -18.65
C VAL B 117 -7.32 17.88 -18.70
N TYR B 118 -6.94 17.22 -19.82
CA TYR B 118 -5.60 16.62 -20.00
C TYR B 118 -4.52 17.70 -20.16
N GLN B 119 -4.89 18.85 -20.75
CA GLN B 119 -3.94 20.01 -20.83
C GLN B 119 -3.61 20.50 -19.43
N GLU B 120 -4.61 20.56 -18.55
CA GLU B 120 -4.38 20.97 -17.14
C GLU B 120 -3.50 19.92 -16.47
N PHE B 121 -3.74 18.61 -16.68
CA PHE B 121 -2.84 17.58 -16.09
C PHE B 121 -1.40 17.85 -16.52
N ALA B 122 -1.17 18.03 -17.80
CA ALA B 122 0.18 18.21 -18.38
C ALA B 122 0.86 19.41 -17.72
N ARG B 123 0.11 20.51 -17.54
CA ARG B 123 0.67 21.74 -16.92
C ARG B 123 1.12 21.41 -15.52
N GLN B 124 0.33 20.62 -14.76
CA GLN B 124 0.68 20.27 -13.35
C GLN B 124 1.82 19.26 -13.29
N ILE B 125 1.86 18.32 -14.24
CA ILE B 125 2.98 17.35 -14.32
C ILE B 125 4.27 18.16 -14.57
N GLY B 126 4.25 19.02 -15.56
CA GLY B 126 5.40 19.87 -15.94
C GLY B 126 6.36 19.15 -16.88
N GLU B 127 7.18 19.92 -17.60
CA GLU B 127 8.05 19.42 -18.68
C GLU B 127 9.05 18.41 -18.12
N ALA B 128 9.69 18.70 -17.00
CA ALA B 128 10.75 17.80 -16.51
C ALA B 128 10.18 16.42 -16.20
N ARG B 129 9.11 16.34 -15.40
CA ARG B 129 8.61 15.02 -14.95
C ARG B 129 7.98 14.32 -16.15
N MET B 130 7.36 15.07 -17.06
CA MET B 130 6.77 14.50 -18.29
C MET B 130 7.86 13.85 -19.14
N SER B 131 8.97 14.54 -19.37
CA SER B 131 10.08 14.00 -20.18
C SER B 131 10.67 12.75 -19.51
N LYS B 132 10.88 12.80 -18.21
CA LYS B 132 11.49 11.66 -17.51
C LYS B 132 10.55 10.44 -17.61
N MET B 133 9.25 10.65 -17.43
CA MET B 133 8.29 9.53 -17.38
C MET B 133 8.16 8.90 -18.75
N LEU B 134 8.20 9.70 -19.82
CA LEU B 134 8.12 9.11 -21.18
C LEU B 134 9.40 8.33 -21.47
N HIS B 135 10.54 8.75 -20.93
CA HIS B 135 11.79 7.99 -21.07
C HIS B 135 11.65 6.66 -20.34
N ALA B 136 11.13 6.66 -19.12
CA ALA B 136 10.92 5.45 -18.31
C ALA B 136 9.94 4.49 -18.99
N PHE B 137 8.95 5.02 -19.70
CA PHE B 137 7.97 4.21 -20.46
C PHE B 137 8.52 3.73 -21.82
N ASP B 138 9.66 4.25 -22.28
CA ASP B 138 10.23 3.91 -23.62
C ASP B 138 9.21 4.31 -24.69
N TYR B 139 8.51 5.41 -24.48
CA TYR B 139 7.35 5.87 -25.29
C TYR B 139 7.81 6.60 -26.56
N GLY B 140 7.65 5.97 -27.70
CA GLY B 140 7.87 6.63 -29.00
C GLY B 140 9.31 7.15 -29.11
N ASN B 141 9.43 8.40 -29.56
CA ASN B 141 10.74 9.07 -29.66
C ASN B 141 11.07 9.81 -28.37
N GLU B 142 10.21 9.74 -27.36
CA GLU B 142 10.47 10.29 -25.99
C GLU B 142 10.77 11.80 -26.05
N ASP B 143 10.36 12.49 -27.10
CA ASP B 143 10.63 13.93 -27.35
C ASP B 143 9.38 14.75 -27.06
N ILE B 144 9.40 15.65 -26.06
CA ILE B 144 8.20 16.46 -25.71
C ILE B 144 8.32 17.91 -26.25
N SER B 145 9.19 18.14 -27.23
CA SER B 145 9.43 19.50 -27.78
C SER B 145 8.10 20.15 -28.15
N GLY B 146 7.90 21.39 -27.73
CA GLY B 146 6.64 22.12 -27.94
C GLY B 146 6.05 22.61 -26.64
N ASN B 147 4.79 23.04 -26.68
CA ASN B 147 4.02 23.44 -25.47
C ASN B 147 3.89 22.19 -24.59
N VAL B 148 4.18 22.31 -23.30
CA VAL B 148 3.97 21.19 -22.33
C VAL B 148 2.51 20.71 -22.41
N ASP B 149 1.55 21.55 -22.83
CA ASP B 149 0.10 21.23 -22.85
C ASP B 149 -0.40 21.00 -24.28
N SER B 150 0.48 20.84 -25.26
CA SER B 150 0.05 20.45 -26.63
C SER B 150 1.09 19.66 -27.43
N PHE B 151 2.23 19.29 -26.88
CA PHE B 151 3.30 18.63 -27.68
C PHE B 151 2.78 17.35 -28.37
N TRP B 152 1.75 16.69 -27.80
CA TRP B 152 1.25 15.40 -28.36
C TRP B 152 0.28 15.66 -29.50
N LEU B 153 -0.10 16.92 -29.72
CA LEU B 153 -1.02 17.29 -30.83
CA LEU B 153 -1.04 17.34 -30.79
C LEU B 153 -0.28 18.09 -31.90
N ASP B 154 0.71 18.89 -31.51
CA ASP B 154 1.40 19.77 -32.51
C ASP B 154 2.87 19.99 -32.17
N GLY B 155 3.47 19.09 -31.39
CA GLY B 155 4.88 19.14 -30.99
C GLY B 155 5.73 18.10 -31.68
N GLY B 156 6.80 17.69 -31.00
CA GLY B 156 7.87 16.85 -31.58
C GLY B 156 7.69 15.37 -31.28
N ILE B 157 6.68 14.97 -30.49
CA ILE B 157 6.60 13.53 -30.05
C ILE B 157 6.05 12.71 -31.22
N ARG B 158 6.63 11.54 -31.45
CA ARG B 158 6.20 10.67 -32.56
C ARG B 158 6.20 9.25 -32.04
N ILE B 159 5.18 8.49 -32.43
CA ILE B 159 5.09 7.07 -32.06
C ILE B 159 4.47 6.32 -33.23
N SER B 160 4.99 5.12 -33.49
CA SER B 160 4.47 4.21 -34.54
C SER B 160 3.40 3.29 -33.95
N ALA B 161 2.62 2.64 -34.81
CA ALA B 161 1.64 1.62 -34.38
C ALA B 161 2.35 0.50 -33.63
N THR B 162 3.52 0.04 -34.09
CA THR B 162 4.24 -1.05 -33.38
C THR B 162 4.74 -0.58 -32.02
N GLU B 163 5.16 0.67 -31.91
CA GLU B 163 5.61 1.21 -30.59
C GLU B 163 4.40 1.35 -29.66
N GLN B 164 3.23 1.68 -30.19
CA GLN B 164 1.97 1.76 -29.39
C GLN B 164 1.73 0.36 -28.80
N ILE B 165 1.83 -0.68 -29.62
CA ILE B 165 1.66 -2.04 -29.11
C ILE B 165 2.66 -2.36 -28.00
N SER B 166 3.94 -2.04 -28.19
N SER B 166 3.93 -2.03 -28.18
CA SER B 166 4.98 -2.25 -27.16
CA SER B 166 4.97 -2.31 -27.15
C SER B 166 4.54 -1.66 -25.82
C SER B 166 4.57 -1.66 -25.82
N PHE B 167 4.12 -0.40 -25.85
CA PHE B 167 3.73 0.35 -24.63
C PHE B 167 2.50 -0.30 -23.98
N LEU B 168 1.50 -0.64 -24.80
CA LEU B 168 0.25 -1.25 -24.31
C LEU B 168 0.51 -2.61 -23.66
N ARG B 169 1.43 -3.43 -24.21
CA ARG B 169 1.75 -4.75 -23.63
C ARG B 169 2.31 -4.53 -22.23
N LYS B 170 3.15 -3.51 -22.06
CA LYS B 170 3.70 -3.20 -20.72
C LYS B 170 2.54 -2.82 -19.80
N LEU B 171 1.63 -1.96 -20.24
CA LEU B 171 0.47 -1.54 -19.42
C LEU B 171 -0.42 -2.75 -19.04
N TYR B 172 -0.73 -3.59 -20.02
CA TYR B 172 -1.54 -4.81 -19.79
C TYR B 172 -0.92 -5.66 -18.67
N HIS B 173 0.41 -5.83 -18.66
CA HIS B 173 1.13 -6.71 -17.72
C HIS B 173 1.53 -5.96 -16.44
N ASN B 174 1.12 -4.71 -16.24
CA ASN B 174 1.48 -3.88 -15.08
C ASN B 174 3.00 -3.71 -15.03
N LYS B 175 3.66 -3.64 -16.18
CA LYS B 175 5.14 -3.61 -16.20
C LYS B 175 5.68 -2.19 -16.34
N LEU B 176 4.82 -1.18 -16.50
CA LEU B 176 5.33 0.21 -16.62
C LEU B 176 5.83 0.62 -15.24
N HIS B 177 6.82 1.50 -15.17
CA HIS B 177 7.46 1.97 -13.90
C HIS B 177 6.58 3.09 -13.33
N VAL B 178 5.33 2.75 -13.01
CA VAL B 178 4.38 3.51 -12.16
C VAL B 178 3.68 2.47 -11.30
N SER B 179 2.89 2.90 -10.33
CA SER B 179 2.26 1.96 -9.37
C SER B 179 1.34 1.00 -10.13
N GLU B 180 1.18 -0.21 -9.63
CA GLU B 180 0.13 -1.15 -10.12
C GLU B 180 -1.22 -0.42 -10.11
N ARG B 181 -1.50 0.33 -9.07
CA ARG B 181 -2.79 1.03 -8.89
C ARG B 181 -3.04 2.00 -10.06
N SER B 182 -2.03 2.80 -10.46
CA SER B 182 -2.20 3.74 -11.60
C SER B 182 -2.56 2.95 -12.85
N GLN B 183 -1.85 1.86 -13.07
CA GLN B 183 -2.08 1.03 -14.28
C GLN B 183 -3.49 0.42 -14.24
N ARG B 184 -3.96 -0.06 -13.11
CA ARG B 184 -5.33 -0.67 -12.99
C ARG B 184 -6.36 0.42 -13.26
N ILE B 185 -6.16 1.62 -12.73
CA ILE B 185 -7.15 2.72 -12.94
C ILE B 185 -7.19 3.07 -14.40
N VAL B 186 -6.03 3.23 -15.06
CA VAL B 186 -6.07 3.66 -16.48
C VAL B 186 -6.71 2.54 -17.30
N LYS B 187 -6.44 1.29 -17.01
CA LYS B 187 -7.07 0.19 -17.81
C LYS B 187 -8.60 0.19 -17.62
N GLN B 188 -9.09 0.48 -16.43
CA GLN B 188 -10.55 0.69 -16.17
C GLN B 188 -11.05 1.83 -17.07
N ALA B 189 -10.35 2.97 -17.15
CA ALA B 189 -10.79 4.17 -17.89
C ALA B 189 -10.78 3.90 -19.39
N MET B 190 -9.97 2.94 -19.82
CA MET B 190 -9.85 2.57 -21.23
C MET B 190 -11.04 1.71 -21.67
N LEU B 191 -11.85 1.23 -20.74
CA LEU B 191 -12.87 0.23 -21.09
C LEU B 191 -13.77 0.87 -22.15
N THR B 192 -13.94 0.19 -23.27
CA THR B 192 -14.71 0.76 -24.41
C THR B 192 -15.94 -0.12 -24.64
N GLU B 193 -15.76 -1.42 -24.61
CA GLU B 193 -16.86 -2.35 -24.94
C GLU B 193 -16.66 -3.64 -24.19
N ALA B 194 -17.75 -4.24 -23.73
CA ALA B 194 -17.67 -5.60 -23.17
C ALA B 194 -18.98 -6.34 -23.37
N ASN B 195 -18.85 -7.62 -23.63
CA ASN B 195 -19.98 -8.56 -23.74
C ASN B 195 -19.47 -9.97 -23.43
N GLY B 196 -20.30 -10.99 -23.63
CA GLY B 196 -19.94 -12.39 -23.32
C GLY B 196 -18.89 -12.95 -24.26
N ASP B 197 -18.51 -12.22 -25.33
CA ASP B 197 -17.51 -12.71 -26.32
C ASP B 197 -16.15 -12.03 -26.14
N TYR B 198 -16.12 -10.76 -25.75
CA TYR B 198 -14.85 -10.01 -25.71
C TYR B 198 -14.97 -8.76 -24.85
N ILE B 199 -13.81 -8.24 -24.44
CA ILE B 199 -13.67 -6.90 -23.81
C ILE B 199 -12.67 -6.09 -24.64
N ILE B 200 -13.03 -4.89 -25.03
CA ILE B 200 -12.07 -3.95 -25.70
C ILE B 200 -11.72 -2.84 -24.70
N ARG B 201 -10.41 -2.65 -24.49
CA ARG B 201 -9.85 -1.51 -23.74
C ARG B 201 -9.04 -0.71 -24.77
N ALA B 202 -9.35 0.54 -25.02
CA ALA B 202 -8.76 1.24 -26.17
C ALA B 202 -8.90 2.72 -26.03
N LYS B 203 -8.20 3.43 -26.93
CA LYS B 203 -8.32 4.89 -27.04
C LYS B 203 -8.20 5.28 -28.49
N THR B 204 -9.12 6.14 -28.91
CA THR B 204 -9.11 6.82 -30.21
C THR B 204 -8.20 8.05 -30.20
N GLY B 205 -7.77 8.46 -31.38
CA GLY B 205 -7.13 9.77 -31.54
C GLY B 205 -7.30 10.30 -32.94
N TYR B 206 -7.20 11.61 -33.07
CA TYR B 206 -7.26 12.31 -34.37
C TYR B 206 -6.19 13.41 -34.36
N SER B 207 -5.11 13.20 -35.11
CA SER B 207 -4.05 14.21 -35.29
C SER B 207 -4.51 15.20 -36.37
N THR B 208 -4.89 16.41 -35.97
CA THR B 208 -5.58 17.40 -36.85
C THR B 208 -4.69 18.58 -37.27
N ARG B 209 -3.61 18.88 -36.55
CA ARG B 209 -2.91 20.20 -36.61
C ARG B 209 -1.69 20.14 -37.53
N ILE B 210 -0.97 19.02 -37.57
CA ILE B 210 0.25 18.80 -38.40
C ILE B 210 -0.08 17.73 -39.44
N GLU B 211 0.33 17.95 -40.69
CA GLU B 211 0.13 16.94 -41.77
C GLU B 211 1.11 15.79 -41.55
N PRO B 212 0.77 14.53 -41.93
CA PRO B 212 -0.53 14.20 -42.49
C PRO B 212 -1.59 13.98 -41.40
N LYS B 213 -2.80 14.48 -41.63
CA LYS B 213 -3.93 14.35 -40.68
C LYS B 213 -4.28 12.87 -40.63
N ILE B 214 -4.25 12.26 -39.44
CA ILE B 214 -4.57 10.82 -39.31
C ILE B 214 -5.46 10.57 -38.10
N GLY B 215 -6.24 9.49 -38.20
CA GLY B 215 -7.00 8.91 -37.09
C GLY B 215 -6.27 7.69 -36.54
N TRP B 216 -6.34 7.50 -35.21
CA TRP B 216 -5.79 6.36 -34.47
C TRP B 216 -6.90 5.57 -33.77
N TRP B 217 -6.65 4.28 -33.56
CA TRP B 217 -7.34 3.47 -32.53
C TRP B 217 -6.35 2.47 -32.01
N VAL B 218 -6.07 2.50 -30.71
CA VAL B 218 -5.07 1.61 -30.12
C VAL B 218 -5.66 0.99 -28.84
N GLY B 219 -5.30 -0.24 -28.57
CA GLY B 219 -5.78 -0.98 -27.39
C GLY B 219 -5.63 -2.46 -27.55
N TRP B 220 -6.54 -3.19 -26.92
CA TRP B 220 -6.52 -4.66 -26.99
C TRP B 220 -7.93 -5.23 -26.84
N VAL B 221 -8.04 -6.45 -27.31
CA VAL B 221 -9.22 -7.30 -27.15
C VAL B 221 -8.87 -8.45 -26.21
N GLU B 222 -9.56 -8.52 -25.08
CA GLU B 222 -9.41 -9.62 -24.12
C GLU B 222 -10.41 -10.72 -24.47
N LEU B 223 -9.91 -11.92 -24.66
CA LEU B 223 -10.74 -13.14 -24.86
C LEU B 223 -10.55 -13.99 -23.62
N ASP B 224 -11.30 -15.08 -23.54
CA ASP B 224 -11.19 -16.01 -22.41
C ASP B 224 -9.75 -16.47 -22.25
N ASP B 225 -9.03 -16.79 -23.32
CA ASP B 225 -7.69 -17.41 -23.08
C ASP B 225 -6.63 -16.77 -23.98
N ASN B 226 -6.81 -15.54 -24.41
CA ASN B 226 -5.76 -14.83 -25.17
C ASN B 226 -6.09 -13.34 -25.09
N VAL B 227 -5.11 -12.50 -25.41
N VAL B 227 -5.09 -12.54 -25.48
CA VAL B 227 -5.36 -11.06 -25.66
CA VAL B 227 -5.23 -11.08 -25.67
C VAL B 227 -4.69 -10.69 -26.99
C VAL B 227 -4.67 -10.74 -27.05
N TRP B 228 -5.43 -9.97 -27.83
CA TRP B 228 -4.96 -9.44 -29.12
C TRP B 228 -4.75 -7.94 -28.95
N PHE B 229 -3.50 -7.47 -28.99
CA PHE B 229 -3.22 -6.03 -29.01
C PHE B 229 -3.44 -5.51 -30.43
N PHE B 230 -3.86 -4.26 -30.54
CA PHE B 230 -4.06 -3.63 -31.85
C PHE B 230 -3.65 -2.18 -31.82
N ALA B 231 -3.18 -1.72 -32.96
CA ALA B 231 -2.94 -0.28 -33.20
C ALA B 231 -3.18 -0.05 -34.68
N MET B 232 -4.01 0.91 -34.99
CA MET B 232 -4.31 1.25 -36.38
C MET B 232 -4.20 2.76 -36.52
N ASN B 233 -3.75 3.20 -37.68
CA ASN B 233 -3.93 4.61 -38.06
C ASN B 233 -4.31 4.64 -39.53
N MET B 234 -4.96 5.72 -39.91
CA MET B 234 -5.46 5.92 -41.28
C MET B 234 -5.51 7.40 -41.60
N ASP B 235 -5.37 7.73 -42.90
CA ASP B 235 -5.45 9.14 -43.34
C ASP B 235 -6.88 9.60 -43.05
N MET B 236 -6.99 10.82 -42.54
CA MET B 236 -8.24 11.42 -42.03
C MET B 236 -8.27 12.88 -42.47
N PRO B 237 -8.35 13.16 -43.80
CA PRO B 237 -8.42 14.55 -44.29
C PRO B 237 -9.60 15.37 -43.74
N THR B 238 -10.71 14.74 -43.32
CA THR B 238 -11.85 15.41 -42.61
C THR B 238 -12.39 14.49 -41.51
N SER B 239 -13.24 15.02 -40.61
CA SER B 239 -13.81 14.30 -39.45
C SER B 239 -14.92 13.33 -39.89
N ASP B 240 -15.24 13.30 -41.20
CA ASP B 240 -16.34 12.49 -41.76
C ASP B 240 -16.04 10.98 -41.63
N GLY B 241 -14.77 10.56 -41.75
CA GLY B 241 -14.38 9.14 -41.71
C GLY B 241 -13.93 8.62 -40.34
N LEU B 242 -14.13 9.38 -39.27
CA LEU B 242 -13.64 9.02 -37.90
C LEU B 242 -14.22 7.68 -37.47
N GLY B 243 -15.46 7.41 -37.85
CA GLY B 243 -16.14 6.12 -37.60
C GLY B 243 -15.40 4.94 -38.18
N LEU B 244 -14.59 5.14 -39.22
CA LEU B 244 -13.85 4.04 -39.89
C LEU B 244 -12.72 3.50 -38.99
N ARG B 245 -12.26 4.28 -38.03
CA ARG B 245 -11.12 3.84 -37.15
C ARG B 245 -11.54 2.53 -36.48
N GLN B 246 -12.73 2.52 -35.89
CA GLN B 246 -13.27 1.31 -35.22
C GLN B 246 -13.81 0.32 -36.26
N ALA B 247 -14.51 0.82 -37.29
CA ALA B 247 -15.20 -0.05 -38.28
C ALA B 247 -14.16 -0.88 -39.03
N ILE B 248 -13.08 -0.27 -39.53
CA ILE B 248 -12.07 -1.05 -40.29
C ILE B 248 -11.35 -2.02 -39.34
N THR B 249 -10.97 -1.60 -38.13
CA THR B 249 -10.33 -2.53 -37.17
C THR B 249 -11.23 -3.75 -36.89
N LYS B 250 -12.52 -3.52 -36.65
CA LYS B 250 -13.50 -4.61 -36.36
C LYS B 250 -13.63 -5.55 -37.58
N GLU B 251 -13.62 -5.03 -38.81
CA GLU B 251 -13.67 -5.86 -40.04
C GLU B 251 -12.45 -6.78 -40.08
N VAL B 252 -11.26 -6.31 -39.65
CA VAL B 252 -10.05 -7.15 -39.64
C VAL B 252 -10.18 -8.17 -38.50
N LEU B 253 -10.70 -7.74 -37.34
CA LEU B 253 -10.84 -8.67 -36.20
C LEU B 253 -11.82 -9.80 -36.57
N LYS B 254 -12.90 -9.47 -37.26
CA LYS B 254 -13.91 -10.47 -37.73
C LYS B 254 -13.25 -11.41 -38.75
N GLN B 255 -12.59 -10.86 -39.76
CA GLN B 255 -11.90 -11.68 -40.79
C GLN B 255 -10.95 -12.64 -40.06
N GLU B 256 -10.28 -12.20 -38.99
CA GLU B 256 -9.31 -13.09 -38.30
C GLU B 256 -10.02 -13.96 -37.24
N LYS B 257 -11.36 -13.90 -37.13
CA LYS B 257 -12.16 -14.76 -36.21
C LYS B 257 -11.77 -14.48 -34.76
N ILE B 258 -11.32 -13.26 -34.48
CA ILE B 258 -11.00 -12.81 -33.11
C ILE B 258 -12.30 -12.43 -32.42
N ILE B 259 -13.18 -11.69 -33.10
CA ILE B 259 -14.53 -11.33 -32.59
C ILE B 259 -15.53 -11.97 -33.56
N PRO B 260 -16.72 -12.39 -33.08
CA PRO B 260 -17.82 -12.80 -33.97
C PRO B 260 -18.22 -11.73 -35.01
N GLU C 19 -8.51 13.53 35.73
CA GLU C 19 -7.30 12.65 35.78
C GLU C 19 -7.57 11.33 35.06
N TRP C 20 -8.57 10.57 35.50
CA TRP C 20 -9.09 9.35 34.81
C TRP C 20 -10.49 9.61 34.28
N GLN C 21 -10.73 9.31 33.01
CA GLN C 21 -12.04 9.55 32.38
C GLN C 21 -12.41 8.28 31.65
N GLU C 22 -13.68 7.89 31.77
CA GLU C 22 -14.19 6.70 31.09
C GLU C 22 -14.80 7.19 29.80
N ASN C 23 -14.48 6.56 28.68
CA ASN C 23 -15.04 6.86 27.33
C ASN C 23 -15.67 5.57 26.84
N LYS C 24 -16.96 5.38 27.15
CA LYS C 24 -17.76 4.20 26.78
C LYS C 24 -17.74 3.98 25.26
N SER C 25 -17.52 5.02 24.46
CA SER C 25 -17.65 4.93 22.98
C SER C 25 -16.60 3.96 22.42
N TRP C 26 -15.48 3.74 23.12
CA TRP C 26 -14.46 2.79 22.62
C TRP C 26 -14.99 1.36 22.67
N ASN C 27 -15.99 1.05 23.49
CA ASN C 27 -16.52 -0.34 23.61
C ASN C 27 -16.93 -0.84 22.22
N ALA C 28 -17.26 0.08 21.33
CA ALA C 28 -17.72 -0.22 19.95
C ALA C 28 -16.62 -0.98 19.21
N HIS C 29 -15.34 -0.66 19.51
CA HIS C 29 -14.21 -1.31 18.83
C HIS C 29 -14.05 -2.75 19.33
N PHE C 30 -14.38 -3.05 20.59
CA PHE C 30 -14.44 -4.45 21.10
C PHE C 30 -15.69 -5.16 20.54
N THR C 31 -16.86 -4.49 20.60
CA THR C 31 -18.20 -5.04 20.18
C THR C 31 -18.14 -5.47 18.70
N GLU C 32 -17.60 -4.61 17.83
CA GLU C 32 -17.40 -4.87 16.39
C GLU C 32 -16.66 -6.18 16.18
N HIS C 33 -15.78 -6.60 17.10
CA HIS C 33 -14.93 -7.79 16.92
C HIS C 33 -15.43 -8.95 17.80
N LYS C 34 -16.64 -8.84 18.38
CA LYS C 34 -17.22 -9.87 19.26
C LYS C 34 -16.19 -10.14 20.36
N SER C 35 -15.62 -9.07 20.92
CA SER C 35 -14.50 -9.16 21.89
C SER C 35 -14.88 -8.43 23.16
N GLN C 36 -14.14 -8.64 24.25
CA GLN C 36 -14.35 -7.91 25.52
C GLN C 36 -12.95 -7.53 25.95
N GLY C 37 -12.77 -6.29 26.36
CA GLY C 37 -11.45 -5.92 26.87
C GLY C 37 -11.44 -4.52 27.35
N VAL C 38 -10.23 -4.02 27.60
CA VAL C 38 -9.96 -2.63 28.06
C VAL C 38 -8.80 -2.05 27.25
N VAL C 39 -8.96 -0.81 26.82
CA VAL C 39 -7.84 0.06 26.36
C VAL C 39 -7.71 1.19 27.36
N VAL C 40 -6.49 1.41 27.83
CA VAL C 40 -6.12 2.56 28.68
C VAL C 40 -5.11 3.42 27.92
N LEU C 41 -5.36 4.72 27.83
CA LEU C 41 -4.45 5.69 27.19
C LEU C 41 -4.07 6.72 28.22
N TRP C 42 -2.84 7.17 28.17
CA TRP C 42 -2.32 8.24 29.03
C TRP C 42 -1.68 9.30 28.14
N ASN C 43 -2.23 10.52 28.18
CA ASN C 43 -1.71 11.70 27.48
C ASN C 43 -0.61 12.28 28.37
N GLU C 44 0.66 12.18 27.99
CA GLU C 44 1.76 12.61 28.91
C GLU C 44 1.73 14.14 29.12
N ASN C 45 1.51 14.91 28.09
CA ASN C 45 1.55 16.40 28.20
C ASN C 45 0.46 16.88 29.15
N LYS C 46 -0.75 16.29 29.11
CA LYS C 46 -1.93 16.73 29.91
C LYS C 46 -1.99 16.01 31.26
N GLN C 47 -1.20 14.95 31.45
CA GLN C 47 -1.22 14.14 32.69
C GLN C 47 -2.66 13.68 32.94
N GLN C 48 -3.34 13.20 31.89
CA GLN C 48 -4.71 12.66 31.94
C GLN C 48 -4.80 11.29 31.27
N GLY C 49 -5.63 10.41 31.85
CA GLY C 49 -5.87 9.05 31.36
C GLY C 49 -7.29 8.86 30.90
N PHE C 50 -7.49 7.92 29.97
CA PHE C 50 -8.78 7.60 29.36
C PHE C 50 -8.89 6.09 29.22
N THR C 51 -10.08 5.54 29.44
CA THR C 51 -10.29 4.08 29.28
C THR C 51 -11.77 3.86 28.95
N ASN C 52 -12.06 2.73 28.29
CA ASN C 52 -13.46 2.32 28.04
C ASN C 52 -14.02 1.67 29.30
N ASN C 53 -13.21 1.32 30.30
CA ASN C 53 -13.70 0.45 31.40
C ASN C 53 -12.81 0.66 32.60
N LEU C 54 -13.21 1.55 33.53
CA LEU C 54 -12.38 1.86 34.72
C LEU C 54 -12.21 0.61 35.58
N LYS C 55 -13.23 -0.24 35.72
CA LYS C 55 -13.06 -1.43 36.57
C LYS C 55 -11.96 -2.31 35.95
N ARG C 56 -12.12 -2.68 34.68
CA ARG C 56 -11.19 -3.65 34.05
C ARG C 56 -9.80 -3.03 33.92
N ALA C 57 -9.70 -1.71 33.74
CA ALA C 57 -8.40 -0.98 33.72
C ALA C 57 -7.62 -1.25 35.00
N ASN C 58 -8.31 -1.50 36.12
CA ASN C 58 -7.64 -1.70 37.43
C ASN C 58 -7.64 -3.16 37.87
N GLN C 59 -8.08 -4.09 37.04
CA GLN C 59 -8.06 -5.52 37.38
C GLN C 59 -6.70 -6.13 36.97
N ALA C 60 -6.15 -6.97 37.80
CA ALA C 60 -4.77 -7.44 37.58
C ALA C 60 -4.78 -8.85 36.98
N PHE C 61 -3.85 -9.06 36.06
CA PHE C 61 -3.74 -10.29 35.23
C PHE C 61 -2.27 -10.71 35.23
N LEU C 62 -2.02 -11.97 34.89
CA LEU C 62 -0.66 -12.42 34.57
C LEU C 62 -0.12 -11.53 33.45
N PRO C 63 1.13 -11.04 33.52
CA PRO C 63 1.71 -10.21 32.46
C PRO C 63 2.11 -11.03 31.22
N ALA C 64 2.37 -12.33 31.40
CA ALA C 64 2.90 -13.20 30.35
C ALA C 64 4.05 -12.47 29.63
N SER C 65 4.04 -12.41 28.31
CA SER C 65 5.26 -11.94 27.56
C SER C 65 5.51 -10.45 27.75
N THR C 66 4.59 -9.67 28.33
CA THR C 66 4.86 -8.25 28.60
C THR C 66 5.89 -8.21 29.72
N PHE C 67 6.09 -9.32 30.40
CA PHE C 67 7.13 -9.38 31.46
C PHE C 67 8.54 -9.31 30.83
N LYS C 68 8.68 -9.52 29.54
CA LYS C 68 10.02 -9.43 28.90
C LYS C 68 10.57 -8.00 29.08
N ILE C 69 9.74 -6.98 29.31
CA ILE C 69 10.25 -5.59 29.49
C ILE C 69 11.01 -5.57 30.82
N PRO C 70 10.42 -5.83 32.01
CA PRO C 70 11.21 -5.81 33.23
C PRO C 70 12.33 -6.87 33.25
N ASN C 71 12.08 -8.05 32.68
CA ASN C 71 13.08 -9.15 32.68
C ASN C 71 14.32 -8.64 31.91
N SER C 72 14.13 -8.00 30.75
CA SER C 72 15.23 -7.43 29.93
C SER C 72 16.02 -6.40 30.76
N LEU C 73 15.32 -5.49 31.42
CA LEU C 73 15.95 -4.41 32.20
C LEU C 73 16.85 -4.99 33.29
N ILE C 74 16.35 -6.00 34.01
CA ILE C 74 17.07 -6.57 35.17
C ILE C 74 18.27 -7.31 34.61
N ALA C 75 18.10 -8.09 33.54
CA ALA C 75 19.19 -8.91 32.95
C ALA C 75 20.31 -7.97 32.51
N LEU C 76 19.99 -6.87 31.87
CA LEU C 76 21.01 -5.89 31.41
C LEU C 76 21.66 -5.26 32.63
N ASP C 77 20.88 -4.81 33.60
CA ASP C 77 21.50 -4.03 34.71
C ASP C 77 22.43 -4.93 35.52
N LEU C 78 22.16 -6.23 35.61
CA LEU C 78 22.99 -7.22 36.36
C LEU C 78 24.11 -7.79 35.48
N GLY C 79 24.17 -7.45 34.21
CA GLY C 79 25.21 -7.96 33.30
C GLY C 79 25.00 -9.41 32.90
N VAL C 80 23.79 -9.97 33.10
CA VAL C 80 23.37 -11.28 32.54
C VAL C 80 23.33 -11.17 31.02
N VAL C 81 22.88 -10.02 30.54
CA VAL C 81 22.99 -9.64 29.11
C VAL C 81 24.00 -8.48 29.04
N LYS C 82 25.03 -8.63 28.22
CA LYS C 82 26.12 -7.61 28.14
C LYS C 82 25.63 -6.43 27.33
N ASP C 83 24.96 -6.71 26.21
CA ASP C 83 24.46 -5.68 25.29
C ASP C 83 23.47 -6.34 24.35
N GLU C 84 22.89 -5.54 23.46
CA GLU C 84 21.78 -5.98 22.57
C GLU C 84 22.30 -6.84 21.40
N HIS C 85 23.62 -7.01 21.27
CA HIS C 85 24.23 -7.85 20.20
C HIS C 85 24.67 -9.22 20.72
N GLN C 86 24.76 -9.40 22.04
CA GLN C 86 25.22 -10.66 22.62
C GLN C 86 24.31 -11.77 22.09
N VAL C 87 24.89 -12.85 21.61
CA VAL C 87 24.12 -13.94 20.96
C VAL C 87 23.77 -14.99 21.99
N PHE C 88 22.51 -15.37 22.05
CA PHE C 88 22.00 -16.45 22.91
C PHE C 88 21.73 -17.63 22.01
N LYS C 89 22.64 -18.60 22.05
CA LYS C 89 22.62 -19.78 21.16
C LYS C 89 21.38 -20.63 21.46
N TRP C 90 20.70 -21.07 20.42
CA TRP C 90 19.60 -22.05 20.50
C TRP C 90 20.12 -23.27 21.26
N ASP C 91 19.31 -23.78 22.18
CA ASP C 91 19.71 -24.94 23.02
C ASP C 91 19.51 -26.26 22.24
N GLY C 92 19.11 -26.18 20.99
CA GLY C 92 18.96 -27.32 20.08
C GLY C 92 17.75 -28.17 20.42
N GLN C 93 16.80 -27.65 21.22
CA GLN C 93 15.49 -28.34 21.46
C GLN C 93 14.43 -27.72 20.57
N THR C 94 13.81 -28.52 19.71
CA THR C 94 12.83 -28.03 18.72
C THR C 94 11.52 -27.71 19.46
N ARG C 95 11.05 -26.47 19.29
CA ARG C 95 9.78 -25.95 19.87
C ARG C 95 8.86 -25.58 18.71
N ASP C 96 7.57 -25.41 18.99
CA ASP C 96 6.51 -25.32 17.95
C ASP C 96 6.58 -23.97 17.22
N ILE C 97 7.27 -22.97 17.77
CA ILE C 97 7.43 -21.66 17.09
C ILE C 97 8.79 -21.70 16.37
N ALA C 98 8.78 -21.76 15.04
CA ALA C 98 9.98 -21.92 14.17
C ALA C 98 11.03 -20.84 14.49
N THR C 99 10.63 -19.58 14.71
CA THR C 99 11.56 -18.45 15.01
C THR C 99 12.28 -18.69 16.34
N TRP C 100 11.79 -19.59 17.18
CA TRP C 100 12.50 -19.87 18.46
C TRP C 100 13.68 -20.81 18.22
N ASN C 101 13.67 -21.59 17.15
CA ASN C 101 14.69 -22.67 16.96
C ASN C 101 15.88 -22.10 16.20
N ARG C 102 16.51 -21.08 16.76
CA ARG C 102 17.59 -20.33 16.11
C ARG C 102 18.27 -19.49 17.18
N ASP C 103 19.44 -18.98 16.85
CA ASP C 103 20.19 -18.06 17.74
C ASP C 103 19.43 -16.74 17.82
N HIS C 104 19.51 -16.05 18.94
CA HIS C 104 18.86 -14.74 19.10
C HIS C 104 19.80 -13.76 19.76
N ASN C 105 19.55 -12.47 19.59
CA ASN C 105 20.08 -11.44 20.52
C ASN C 105 18.87 -10.78 21.18
N LEU C 106 19.09 -9.76 21.98
CA LEU C 106 17.97 -9.14 22.77
C LEU C 106 16.93 -8.57 21.83
N ILE C 107 17.38 -7.96 20.75
CA ILE C 107 16.46 -7.32 19.75
C ILE C 107 15.54 -8.42 19.21
N THR C 108 16.11 -9.49 18.72
CA THR C 108 15.32 -10.53 18.01
C THR C 108 14.53 -11.35 19.04
N ALA C 109 15.05 -11.54 20.25
CA ALA C 109 14.34 -12.32 21.27
C ALA C 109 13.08 -11.58 21.73
N MET C 110 13.12 -10.25 21.78
N MET C 110 13.10 -10.25 21.77
CA MET C 110 11.94 -9.42 22.09
CA MET C 110 11.90 -9.48 22.13
C MET C 110 10.98 -9.51 20.90
C MET C 110 10.96 -9.47 20.91
N LYS C 111 11.51 -9.31 19.70
CA LYS C 111 10.64 -9.26 18.48
C LYS C 111 9.84 -10.56 18.34
N TYR C 112 10.48 -11.72 18.51
CA TYR C 112 9.85 -13.04 18.31
C TYR C 112 9.37 -13.62 19.63
N SER C 113 9.50 -12.86 20.72
CA SER C 113 8.95 -13.19 22.05
C SER C 113 9.45 -14.58 22.48
N VAL C 114 10.76 -14.71 22.51
CA VAL C 114 11.42 -16.05 22.56
C VAL C 114 11.52 -16.47 24.03
N VAL C 115 10.59 -17.32 24.45
CA VAL C 115 10.44 -17.68 25.88
C VAL C 115 11.70 -18.34 26.41
N PRO C 116 12.30 -19.36 25.75
CA PRO C 116 13.46 -20.06 26.31
C PRO C 116 14.64 -19.15 26.61
N VAL C 117 14.86 -18.14 25.79
CA VAL C 117 15.93 -17.13 26.08
C VAL C 117 15.64 -16.43 27.43
N TYR C 118 14.41 -15.97 27.63
CA TYR C 118 13.99 -15.18 28.82
C TYR C 118 13.93 -16.10 30.04
N GLN C 119 13.61 -17.38 29.84
CA GLN C 119 13.65 -18.36 30.97
C GLN C 119 15.08 -18.45 31.49
N GLU C 120 16.06 -18.56 30.60
CA GLU C 120 17.49 -18.63 30.98
C GLU C 120 17.89 -17.33 31.65
N PHE C 121 17.43 -16.17 31.17
CA PHE C 121 17.74 -14.90 31.88
C PHE C 121 17.26 -15.01 33.33
N ALA C 122 16.01 -15.45 33.53
CA ALA C 122 15.34 -15.48 34.85
C ALA C 122 16.14 -16.40 35.76
N ARG C 123 16.56 -17.55 35.24
CA ARG C 123 17.40 -18.51 36.02
C ARG C 123 18.73 -17.85 36.44
N GLN C 124 19.36 -17.08 35.55
CA GLN C 124 20.65 -16.41 35.86
C GLN C 124 20.42 -15.25 36.81
N ILE C 125 19.29 -14.57 36.71
CA ILE C 125 18.95 -13.47 37.66
C ILE C 125 18.75 -14.07 39.06
N GLY C 126 17.97 -15.15 39.14
CA GLY C 126 17.66 -15.88 40.38
C GLY C 126 16.59 -15.22 41.21
N GLU C 127 15.97 -15.95 42.15
CA GLU C 127 14.73 -15.50 42.86
C GLU C 127 15.00 -14.22 43.64
N ALA C 128 16.09 -14.15 44.39
CA ALA C 128 16.39 -13.02 45.30
C ALA C 128 16.51 -11.70 44.52
N ARG C 129 17.31 -11.66 43.45
CA ARG C 129 17.51 -10.38 42.72
C ARG C 129 16.25 -10.05 41.92
N MET C 130 15.57 -11.08 41.42
CA MET C 130 14.32 -10.85 40.64
C MET C 130 13.30 -10.19 41.58
N SER C 131 13.06 -10.79 42.74
CA SER C 131 12.08 -10.25 43.71
C SER C 131 12.49 -8.82 44.11
N LYS C 132 13.75 -8.60 44.42
CA LYS C 132 14.19 -7.26 44.90
C LYS C 132 13.93 -6.22 43.80
N MET C 133 14.23 -6.54 42.54
CA MET C 133 14.11 -5.57 41.45
C MET C 133 12.63 -5.29 41.15
N LEU C 134 11.74 -6.28 41.26
CA LEU C 134 10.31 -5.94 41.03
C LEU C 134 9.76 -5.08 42.17
N HIS C 135 10.23 -5.26 43.42
CA HIS C 135 9.91 -4.33 44.53
C HIS C 135 10.44 -2.94 44.15
N ALA C 136 11.69 -2.82 43.67
CA ALA C 136 12.31 -1.52 43.30
C ALA C 136 11.52 -0.86 42.17
N PHE C 137 11.00 -1.65 41.24
CA PHE C 137 10.22 -1.10 40.09
C PHE C 137 8.75 -0.79 40.47
N ASP C 138 8.28 -1.21 41.65
CA ASP C 138 6.86 -1.08 42.04
C ASP C 138 6.00 -1.83 41.01
N TYR C 139 6.47 -2.97 40.51
CA TYR C 139 5.86 -3.66 39.35
C TYR C 139 4.70 -4.55 39.81
N GLY C 140 3.49 -4.13 39.46
CA GLY C 140 2.25 -4.86 39.78
C GLY C 140 2.19 -5.20 41.25
N ASN C 141 1.94 -6.46 41.58
CA ASN C 141 1.75 -6.94 42.98
C ASN C 141 3.11 -7.36 43.53
N GLU C 142 4.17 -7.23 42.73
CA GLU C 142 5.58 -7.49 43.17
C GLU C 142 5.78 -8.93 43.67
N ASP C 143 4.93 -9.87 43.29
CA ASP C 143 4.91 -11.24 43.87
C ASP C 143 5.48 -12.22 42.84
N ILE C 144 6.63 -12.83 43.11
CA ILE C 144 7.25 -13.78 42.13
C ILE C 144 7.00 -15.22 42.51
N SER C 145 6.04 -15.52 43.39
CA SER C 145 5.82 -16.92 43.86
C SER C 145 5.60 -17.83 42.64
N GLY C 146 6.17 -19.01 42.72
CA GLY C 146 6.15 -20.01 41.65
C GLY C 146 7.57 -20.24 41.16
N ASN C 147 7.72 -20.84 39.99
CA ASN C 147 9.06 -21.17 39.44
C ASN C 147 9.73 -19.89 38.93
N VAL C 148 11.00 -19.73 39.23
CA VAL C 148 11.71 -18.48 38.83
C VAL C 148 11.65 -18.34 37.31
N ASP C 149 11.56 -19.43 36.56
CA ASP C 149 11.59 -19.34 35.08
C ASP C 149 10.18 -19.37 34.49
N SER C 150 9.11 -19.25 35.28
CA SER C 150 7.75 -19.30 34.70
C SER C 150 6.72 -18.48 35.49
N PHE C 151 7.11 -17.72 36.50
CA PHE C 151 6.09 -17.13 37.42
C PHE C 151 5.22 -16.11 36.68
N TRP C 152 5.71 -15.54 35.60
CA TRP C 152 4.99 -14.48 34.86
C TRP C 152 3.94 -15.12 33.97
N LEU C 153 3.97 -16.44 33.86
CA LEU C 153 2.95 -17.18 33.07
CA LEU C 153 3.01 -17.25 33.05
C LEU C 153 2.07 -18.06 33.97
N ASP C 154 2.57 -18.56 35.09
CA ASP C 154 1.70 -19.43 35.92
C ASP C 154 2.02 -19.29 37.40
N GLY C 155 2.64 -18.19 37.79
CA GLY C 155 2.96 -17.89 39.19
C GLY C 155 2.04 -16.84 39.77
N GLY C 156 2.56 -16.15 40.76
CA GLY C 156 1.80 -15.25 41.63
C GLY C 156 1.73 -13.85 41.09
N ILE C 157 2.57 -13.49 40.12
CA ILE C 157 2.68 -12.06 39.70
C ILE C 157 1.38 -11.64 39.00
N ARG C 158 0.94 -10.41 39.26
CA ARG C 158 -0.27 -9.84 38.63
C ARG C 158 -0.06 -8.34 38.41
N ILE C 159 -0.58 -7.83 37.30
CA ILE C 159 -0.46 -6.40 36.96
C ILE C 159 -1.69 -5.98 36.17
N SER C 160 -2.20 -4.81 36.48
CA SER C 160 -3.32 -4.16 35.76
C SER C 160 -2.80 -3.30 34.61
N ALA C 161 -3.69 -2.96 33.72
CA ALA C 161 -3.39 -2.05 32.60
C ALA C 161 -2.90 -0.71 33.17
N THR C 162 -3.50 -0.18 34.24
CA THR C 162 -3.09 1.15 34.75
C THR C 162 -1.70 1.01 35.40
N GLU C 163 -1.40 -0.13 35.99
CA GLU C 163 -0.05 -0.39 36.59
C GLU C 163 1.00 -0.56 35.47
N GLN C 164 0.64 -1.14 34.32
CA GLN C 164 1.54 -1.21 33.15
C GLN C 164 1.89 0.22 32.73
N ILE C 165 0.89 1.10 32.63
CA ILE C 165 1.15 2.53 32.26
C ILE C 165 2.14 3.16 33.25
N SER C 166 1.90 3.02 34.54
N SER C 166 1.94 2.98 34.54
CA SER C 166 2.78 3.60 35.57
CA SER C 166 2.79 3.60 35.61
C SER C 166 4.22 3.16 35.28
C SER C 166 4.26 3.13 35.46
N PHE C 167 4.43 1.84 35.19
CA PHE C 167 5.76 1.22 34.94
C PHE C 167 6.39 1.82 33.68
N LEU C 168 5.64 1.87 32.58
CA LEU C 168 6.17 2.30 31.29
C LEU C 168 6.53 3.79 31.34
N ARG C 169 5.75 4.60 32.07
CA ARG C 169 6.07 6.05 32.15
C ARG C 169 7.43 6.19 32.85
N LYS C 170 7.71 5.39 33.85
CA LYS C 170 9.04 5.43 34.53
C LYS C 170 10.17 5.03 33.57
N LEU C 171 9.94 4.00 32.78
CA LEU C 171 10.94 3.54 31.79
C LEU C 171 11.20 4.66 30.79
N TYR C 172 10.13 5.25 30.25
CA TYR C 172 10.24 6.30 29.23
C TYR C 172 11.13 7.46 29.74
N HIS C 173 10.95 7.85 31.02
CA HIS C 173 11.66 8.99 31.67
C HIS C 173 12.99 8.56 32.30
N ASN C 174 13.43 7.32 32.09
CA ASN C 174 14.65 6.74 32.71
C ASN C 174 14.61 6.88 34.23
N LYS C 175 13.45 6.71 34.85
CA LYS C 175 13.30 6.88 36.32
C LYS C 175 13.27 5.54 37.06
N LEU C 176 13.38 4.39 36.37
CA LEU C 176 13.45 3.10 37.08
C LEU C 176 14.82 2.97 37.74
N HIS C 177 14.89 2.20 38.83
CA HIS C 177 16.11 2.02 39.67
C HIS C 177 17.06 1.02 38.99
N VAL C 178 17.38 1.26 37.72
CA VAL C 178 18.49 0.58 37.01
C VAL C 178 19.23 1.68 36.23
N SER C 179 20.33 1.33 35.57
CA SER C 179 21.14 2.34 34.83
C SER C 179 20.29 2.96 33.72
N GLU C 180 20.66 4.15 33.30
CA GLU C 180 20.06 4.80 32.10
C GLU C 180 20.34 3.90 30.90
N ARG C 181 21.56 3.36 30.78
CA ARG C 181 21.94 2.51 29.61
C ARG C 181 20.97 1.32 29.49
N SER C 182 20.67 0.65 30.60
CA SER C 182 19.73 -0.52 30.61
C SER C 182 18.39 -0.07 30.05
N GLN C 183 17.92 1.11 30.48
CA GLN C 183 16.59 1.65 30.08
C GLN C 183 16.63 2.01 28.60
N ARG C 184 17.71 2.64 28.13
CA ARG C 184 17.84 3.01 26.69
C ARG C 184 17.86 1.75 25.81
N ILE C 185 18.55 0.70 26.23
CA ILE C 185 18.66 -0.55 25.42
C ILE C 185 17.29 -1.22 25.33
N VAL C 186 16.56 -1.28 26.43
CA VAL C 186 15.23 -1.95 26.41
C VAL C 186 14.30 -1.15 25.51
N LYS C 187 14.34 0.18 25.56
CA LYS C 187 13.46 1.02 24.72
C LYS C 187 13.82 0.78 23.27
N GLN C 188 15.10 0.60 22.95
CA GLN C 188 15.51 0.25 21.59
C GLN C 188 14.85 -1.10 21.24
N ALA C 189 14.96 -2.10 22.12
CA ALA C 189 14.46 -3.48 21.88
C ALA C 189 12.93 -3.51 21.73
N MET C 190 12.23 -2.54 22.29
CA MET C 190 10.75 -2.44 22.24
C MET C 190 10.32 -1.83 20.92
N LEU C 191 11.23 -1.29 20.12
CA LEU C 191 10.82 -0.63 18.86
C LEU C 191 9.97 -1.59 18.03
N THR C 192 8.77 -1.13 17.59
CA THR C 192 7.78 -1.99 16.89
C THR C 192 7.51 -1.41 15.51
N GLU C 193 7.31 -0.11 15.46
CA GLU C 193 6.92 0.58 14.21
C GLU C 193 7.41 2.01 14.26
N ALA C 194 7.90 2.51 13.13
CA ALA C 194 8.28 3.92 13.00
C ALA C 194 8.09 4.34 11.56
N ASN C 195 7.60 5.57 11.42
CA ASN C 195 7.38 6.23 10.11
C ASN C 195 7.47 7.75 10.38
N GLY C 196 7.17 8.58 9.39
CA GLY C 196 7.24 10.04 9.56
C GLY C 196 6.11 10.62 10.42
N ASP C 197 5.11 9.82 10.83
CA ASP C 197 3.99 10.31 11.69
C ASP C 197 4.17 9.90 13.16
N TYR C 198 4.73 8.72 13.43
CA TYR C 198 4.82 8.23 14.81
C TYR C 198 5.86 7.10 14.93
N ILE C 199 6.23 6.84 16.18
CA ILE C 199 7.04 5.69 16.63
C ILE C 199 6.24 4.95 17.71
N ILE C 200 6.16 3.64 17.61
CA ILE C 200 5.54 2.79 18.65
C ILE C 200 6.63 1.91 19.23
N ARG C 201 6.77 1.98 20.53
CA ARG C 201 7.60 1.07 21.34
C ARG C 201 6.66 0.29 22.25
N ALA C 202 6.69 -1.03 22.15
CA ALA C 202 5.61 -1.83 22.78
C ALA C 202 6.04 -3.28 22.92
N LYS C 203 5.21 -4.02 23.66
CA LYS C 203 5.39 -5.48 23.78
C LYS C 203 4.01 -6.14 23.88
N THR C 204 3.83 -7.21 23.10
CA THR C 204 2.61 -8.04 23.12
C THR C 204 2.72 -9.12 24.22
N GLY C 205 1.58 -9.68 24.61
CA GLY C 205 1.54 -10.83 25.53
C GLY C 205 0.30 -11.64 25.32
N TYR C 206 0.38 -12.91 25.73
CA TYR C 206 -0.76 -13.85 25.61
C TYR C 206 -0.69 -14.78 26.81
N SER C 207 -1.56 -14.56 27.78
CA SER C 207 -1.65 -15.35 29.03
C SER C 207 -2.61 -16.51 28.80
N THR C 208 -2.13 -17.74 28.85
CA THR C 208 -2.92 -18.92 28.44
C THR C 208 -3.13 -19.89 29.62
N ARG C 209 -2.37 -19.81 30.71
CA ARG C 209 -2.22 -20.96 31.64
C ARG C 209 -3.25 -20.89 32.78
N ILE C 210 -3.84 -19.74 33.03
CA ILE C 210 -4.86 -19.50 34.07
C ILE C 210 -5.95 -18.68 33.40
N GLU C 211 -7.22 -18.94 33.71
CA GLU C 211 -8.36 -18.19 33.17
C GLU C 211 -8.42 -16.82 33.83
N PRO C 212 -8.93 -15.76 33.18
CA PRO C 212 -9.33 -15.82 31.77
C PRO C 212 -8.07 -15.70 30.89
N LYS C 213 -8.07 -16.41 29.78
CA LYS C 213 -7.03 -16.25 28.74
C LYS C 213 -7.15 -14.83 28.21
N ILE C 214 -6.07 -14.08 28.23
CA ILE C 214 -6.08 -12.67 27.74
C ILE C 214 -4.90 -12.40 26.83
N GLY C 215 -5.12 -11.49 25.92
CA GLY C 215 -4.03 -10.86 25.16
C GLY C 215 -3.72 -9.50 25.74
N TRP C 216 -2.45 -9.10 25.65
CA TRP C 216 -1.95 -7.78 26.05
C TRP C 216 -1.27 -7.09 24.87
N TRP C 217 -1.29 -5.76 24.92
CA TRP C 217 -0.38 -4.91 24.14
C TRP C 217 -0.14 -3.65 24.93
N VAL C 218 1.12 -3.43 25.33
CA VAL C 218 1.47 -2.29 26.23
C VAL C 218 2.63 -1.54 25.61
N GLY C 219 2.65 -0.23 25.76
CA GLY C 219 3.75 0.56 25.19
C GLY C 219 3.36 2.02 25.10
N TRP C 220 3.89 2.67 24.07
CA TRP C 220 3.62 4.10 23.83
C TRP C 220 3.82 4.44 22.37
N VAL C 221 3.20 5.57 22.03
CA VAL C 221 3.27 6.24 20.72
C VAL C 221 3.98 7.57 20.94
N GLU C 222 5.13 7.73 20.32
CA GLU C 222 5.91 8.99 20.32
C GLU C 222 5.43 9.83 19.14
N LEU C 223 4.98 11.03 19.43
CA LEU C 223 4.72 12.04 18.39
C LEU C 223 5.78 13.14 18.51
N ASP C 224 5.78 14.09 17.58
CA ASP C 224 6.73 15.24 17.60
C ASP C 224 6.70 15.95 18.96
N ASP C 225 5.53 16.18 19.55
CA ASP C 225 5.48 17.04 20.76
C ASP C 225 4.62 16.41 21.86
N ASN C 226 4.39 15.10 21.80
CA ASN C 226 3.65 14.44 22.88
C ASN C 226 3.97 12.95 22.86
N VAL C 227 3.68 12.26 23.95
N VAL C 227 3.72 12.29 23.99
CA VAL C 227 3.76 10.78 24.03
CA VAL C 227 3.75 10.82 24.14
C VAL C 227 2.51 10.26 24.72
C VAL C 227 2.38 10.37 24.65
N TRP C 228 1.86 9.30 24.06
CA TRP C 228 0.61 8.64 24.50
C TRP C 228 0.97 7.22 24.94
N PHE C 229 0.87 6.91 26.22
CA PHE C 229 1.13 5.55 26.70
C PHE C 229 -0.15 4.76 26.51
N PHE C 230 -0.04 3.45 26.31
CA PHE C 230 -1.23 2.61 26.18
C PHE C 230 -0.97 1.26 26.82
N ALA C 231 -2.04 0.72 27.36
CA ALA C 231 -2.08 -0.68 27.84
C ALA C 231 -3.47 -1.21 27.55
N MET C 232 -3.50 -2.35 26.87
CA MET C 232 -4.77 -3.01 26.52
C MET C 232 -4.67 -4.48 26.89
N ASN C 233 -5.74 -5.02 27.41
CA ASN C 233 -5.91 -6.47 27.47
C ASN C 233 -7.32 -6.80 26.99
N MET C 234 -7.47 -8.03 26.55
CA MET C 234 -8.74 -8.49 25.97
C MET C 234 -8.83 -10.00 26.12
N ASP C 235 -10.05 -10.48 26.23
CA ASP C 235 -10.30 -11.93 26.29
C ASP C 235 -9.77 -12.56 25.00
N MET C 236 -9.11 -13.70 25.12
CA MET C 236 -8.46 -14.35 23.97
C MET C 236 -8.65 -15.85 24.09
N PRO C 237 -9.87 -16.37 23.83
CA PRO C 237 -10.14 -17.80 24.03
C PRO C 237 -9.29 -18.69 23.11
N THR C 238 -8.85 -18.16 21.96
CA THR C 238 -7.92 -18.86 21.03
C THR C 238 -6.98 -17.86 20.35
N SER C 239 -5.90 -18.40 19.80
CA SER C 239 -4.80 -17.63 19.15
C SER C 239 -5.30 -16.95 17.87
N ASP C 240 -6.48 -17.34 17.39
CA ASP C 240 -7.11 -16.81 16.15
C ASP C 240 -7.23 -15.28 16.24
N GLY C 241 -7.50 -14.77 17.44
CA GLY C 241 -7.87 -13.36 17.66
C GLY C 241 -6.66 -12.50 17.98
N LEU C 242 -5.44 -13.04 17.91
CA LEU C 242 -4.26 -12.33 18.48
C LEU C 242 -4.03 -10.99 17.78
N GLY C 243 -4.25 -10.91 16.46
CA GLY C 243 -4.09 -9.66 15.72
C GLY C 243 -4.95 -8.52 16.23
N LEU C 244 -6.05 -8.78 16.92
CA LEU C 244 -6.95 -7.74 17.46
C LEU C 244 -6.26 -6.92 18.56
N ARG C 245 -5.28 -7.48 19.26
CA ARG C 245 -4.52 -6.69 20.27
C ARG C 245 -4.04 -5.38 19.63
N GLN C 246 -3.37 -5.44 18.50
CA GLN C 246 -2.86 -4.22 17.82
C GLN C 246 -4.01 -3.54 17.08
N ALA C 247 -4.91 -4.30 16.46
CA ALA C 247 -5.94 -3.74 15.57
C ALA C 247 -6.91 -2.89 16.39
N ILE C 248 -7.38 -3.38 17.55
CA ILE C 248 -8.32 -2.62 18.41
C ILE C 248 -7.59 -1.40 18.96
N THR C 249 -6.36 -1.56 19.46
CA THR C 249 -5.63 -0.40 20.00
C THR C 249 -5.50 0.70 18.93
N LYS C 250 -5.11 0.32 17.72
CA LYS C 250 -4.95 1.28 16.59
C LYS C 250 -6.30 1.93 16.21
N GLU C 251 -7.43 1.22 16.31
CA GLU C 251 -8.77 1.83 16.04
C GLU C 251 -9.02 2.95 17.06
N VAL C 252 -8.69 2.73 18.33
CA VAL C 252 -8.82 3.77 19.39
C VAL C 252 -7.87 4.93 19.07
N LEU C 253 -6.58 4.65 18.85
CA LEU C 253 -5.58 5.70 18.53
C LEU C 253 -6.09 6.51 17.31
N LYS C 254 -6.68 5.86 16.30
CA LYS C 254 -7.20 6.55 15.08
C LYS C 254 -8.41 7.43 15.42
N GLN C 255 -9.33 6.92 16.22
CA GLN C 255 -10.53 7.67 16.68
C GLN C 255 -10.06 8.93 17.40
N GLU C 256 -9.03 8.84 18.23
CA GLU C 256 -8.58 9.96 19.09
C GLU C 256 -7.62 10.87 18.32
N LYS C 257 -7.37 10.60 17.03
CA LYS C 257 -6.53 11.45 16.14
C LYS C 257 -5.06 11.42 16.59
N ILE C 258 -4.63 10.37 17.30
CA ILE C 258 -3.23 10.21 17.77
C ILE C 258 -2.38 9.75 16.58
N ILE C 259 -2.87 8.81 15.79
CA ILE C 259 -2.23 8.39 14.53
C ILE C 259 -3.23 8.60 13.40
N PRO C 260 -2.77 8.75 12.14
CA PRO C 260 -3.68 8.92 11.01
C PRO C 260 -4.34 7.60 10.63
N GLU D 19 37.00 -6.43 -0.18
CA GLU D 19 36.34 -6.60 -1.50
C GLU D 19 35.39 -5.42 -1.76
N TRP D 20 35.58 -4.76 -2.88
CA TRP D 20 34.54 -3.96 -3.56
C TRP D 20 34.16 -4.66 -4.86
N GLN D 21 32.86 -4.75 -5.15
CA GLN D 21 32.39 -5.28 -6.44
C GLN D 21 31.55 -4.19 -7.07
N GLU D 22 31.60 -4.09 -8.40
CA GLU D 22 30.82 -3.10 -9.14
C GLU D 22 29.64 -3.83 -9.77
N ASN D 23 28.44 -3.26 -9.66
CA ASN D 23 27.20 -3.82 -10.25
C ASN D 23 26.58 -2.72 -11.10
N LYS D 24 26.92 -2.71 -12.38
CA LYS D 24 26.49 -1.63 -13.28
C LYS D 24 24.99 -1.74 -13.58
N SER D 25 24.33 -2.88 -13.30
CA SER D 25 22.87 -3.03 -13.54
C SER D 25 22.09 -2.02 -12.68
N TRP D 26 22.63 -1.56 -11.55
CA TRP D 26 21.95 -0.54 -10.71
C TRP D 26 21.85 0.80 -11.44
N ASN D 27 22.66 1.01 -12.49
CA ASN D 27 22.63 2.27 -13.25
C ASN D 27 21.22 2.48 -13.81
N ALA D 28 20.52 1.39 -14.16
CA ALA D 28 19.13 1.42 -14.63
C ALA D 28 18.26 2.26 -13.67
N HIS D 29 18.46 2.17 -12.35
CA HIS D 29 17.62 2.88 -11.36
C HIS D 29 17.87 4.39 -11.46
N PHE D 30 19.06 4.82 -11.89
CA PHE D 30 19.39 6.25 -12.10
C PHE D 30 18.88 6.72 -13.50
N THR D 31 19.20 5.98 -14.56
CA THR D 31 18.93 6.42 -15.95
C THR D 31 17.42 6.44 -16.20
N GLU D 32 16.65 5.59 -15.50
CA GLU D 32 15.17 5.64 -15.52
C GLU D 32 14.68 7.07 -15.23
N HIS D 33 15.36 7.83 -14.37
CA HIS D 33 14.97 9.21 -14.00
C HIS D 33 15.87 10.25 -14.68
N LYS D 34 16.67 9.84 -15.67
CA LYS D 34 17.67 10.72 -16.36
C LYS D 34 18.54 11.38 -15.28
N SER D 35 19.00 10.55 -14.34
CA SER D 35 19.74 10.94 -13.11
C SER D 35 21.12 10.30 -13.18
N GLN D 36 22.03 10.82 -12.37
CA GLN D 36 23.42 10.35 -12.27
C GLN D 36 23.68 10.24 -10.77
N GLY D 37 24.29 9.15 -10.33
CA GLY D 37 24.73 9.06 -8.94
C GLY D 37 25.32 7.72 -8.64
N VAL D 38 25.48 7.46 -7.34
CA VAL D 38 26.12 6.23 -6.84
C VAL D 38 25.30 5.77 -5.62
N VAL D 39 25.18 4.46 -5.49
CA VAL D 39 24.75 3.78 -4.26
C VAL D 39 25.91 2.87 -3.87
N VAL D 40 26.28 2.94 -2.61
CA VAL D 40 27.29 2.06 -2.01
C VAL D 40 26.55 1.25 -0.94
N LEU D 41 26.71 -0.06 -0.98
CA LEU D 41 26.21 -0.99 0.08
C LEU D 41 27.40 -1.69 0.71
N TRP D 42 27.29 -1.94 1.99
CA TRP D 42 28.26 -2.73 2.75
C TRP D 42 27.49 -3.78 3.54
N ASN D 43 27.78 -5.04 3.20
CA ASN D 43 27.32 -6.23 3.93
C ASN D 43 28.23 -6.42 5.14
N GLU D 44 27.71 -6.18 6.34
CA GLU D 44 28.52 -6.22 7.58
C GLU D 44 28.97 -7.66 7.85
N ASN D 45 28.08 -8.63 7.70
CA ASN D 45 28.41 -10.04 8.03
C ASN D 45 29.53 -10.48 7.08
N LYS D 46 29.42 -10.15 5.80
CA LYS D 46 30.35 -10.67 4.75
C LYS D 46 31.56 -9.75 4.60
N GLN D 47 31.57 -8.55 5.20
CA GLN D 47 32.64 -7.55 5.03
C GLN D 47 32.92 -7.33 3.55
N GLN D 48 31.86 -7.12 2.78
CA GLN D 48 31.91 -6.99 1.31
C GLN D 48 31.10 -5.75 0.96
N GLY D 49 31.63 -4.95 0.04
CA GLY D 49 31.03 -3.75 -0.54
C GLY D 49 30.60 -3.95 -1.98
N PHE D 50 29.55 -3.23 -2.35
CA PHE D 50 28.95 -3.26 -3.69
C PHE D 50 28.59 -1.83 -4.06
N THR D 51 28.75 -1.48 -5.33
CA THR D 51 28.39 -0.15 -5.84
C THR D 51 28.13 -0.22 -7.35
N ASN D 52 27.34 0.71 -7.86
CA ASN D 52 27.16 0.85 -9.32
C ASN D 52 28.35 1.60 -9.96
N ASN D 53 29.23 2.25 -9.17
CA ASN D 53 30.29 3.13 -9.76
C ASN D 53 31.40 3.36 -8.74
N LEU D 54 32.45 2.54 -8.83
CA LEU D 54 33.57 2.54 -7.87
C LEU D 54 34.22 3.93 -7.86
N LYS D 55 34.31 4.58 -9.01
CA LYS D 55 34.97 5.91 -9.09
C LYS D 55 34.17 6.92 -8.24
N ARG D 56 32.88 7.02 -8.50
CA ARG D 56 32.02 8.00 -7.80
C ARG D 56 31.85 7.59 -6.33
N ALA D 57 31.94 6.31 -6.01
CA ALA D 57 31.83 5.83 -4.61
C ALA D 57 32.91 6.54 -3.79
N ASN D 58 34.05 6.86 -4.42
CA ASN D 58 35.22 7.43 -3.70
C ASN D 58 35.37 8.93 -3.96
N GLN D 59 34.43 9.55 -4.66
CA GLN D 59 34.42 11.01 -4.88
C GLN D 59 33.89 11.76 -3.64
N ALA D 60 34.66 12.73 -3.15
CA ALA D 60 34.33 13.44 -1.89
C ALA D 60 33.55 14.70 -2.21
N PHE D 61 32.46 14.91 -1.49
CA PHE D 61 31.51 16.03 -1.62
C PHE D 61 31.28 16.67 -0.25
N LEU D 62 30.73 17.88 -0.25
CA LEU D 62 30.20 18.52 0.96
C LEU D 62 29.14 17.60 1.54
N PRO D 63 29.17 17.35 2.86
CA PRO D 63 28.20 16.44 3.48
C PRO D 63 26.82 17.06 3.65
N ALA D 64 26.73 18.42 3.70
CA ALA D 64 25.51 19.15 4.00
C ALA D 64 24.83 18.50 5.21
N SER D 65 23.54 18.26 5.13
CA SER D 65 22.76 17.88 6.35
C SER D 65 23.19 16.51 6.90
N THR D 66 23.97 15.71 6.17
CA THR D 66 24.42 14.38 6.71
C THR D 66 25.40 14.68 7.81
N PHE D 67 25.93 15.91 7.79
CA PHE D 67 26.83 16.35 8.88
C PHE D 67 26.08 16.48 10.22
N LYS D 68 24.77 16.47 10.25
CA LYS D 68 24.01 16.49 11.52
C LYS D 68 24.37 15.26 12.38
N ILE D 69 24.82 14.16 11.77
CA ILE D 69 25.22 12.95 12.55
C ILE D 69 26.44 13.30 13.39
N PRO D 70 27.62 13.65 12.82
CA PRO D 70 28.75 13.97 13.70
C PRO D 70 28.49 15.21 14.57
N ASN D 71 27.75 16.19 14.05
CA ASN D 71 27.47 17.45 14.82
C ASN D 71 26.69 17.09 16.11
N SER D 72 25.64 16.25 16.00
CA SER D 72 24.85 15.76 17.18
C SER D 72 25.76 15.03 18.16
N LEU D 73 26.63 14.15 17.64
CA LEU D 73 27.50 13.32 18.48
C LEU D 73 28.36 14.27 19.32
N ILE D 74 28.90 15.29 18.67
CA ILE D 74 29.90 16.18 19.33
C ILE D 74 29.14 17.02 20.36
N ALA D 75 28.01 17.58 19.98
CA ALA D 75 27.19 18.43 20.87
C ALA D 75 26.79 17.62 22.12
N LEU D 76 26.41 16.35 21.95
CA LEU D 76 25.98 15.53 23.11
C LEU D 76 27.21 15.26 23.96
N ASP D 77 28.32 14.89 23.34
CA ASP D 77 29.48 14.42 24.13
C ASP D 77 30.01 15.57 24.98
N LEU D 78 29.95 16.80 24.48
CA LEU D 78 30.46 18.00 25.18
C LEU D 78 29.40 18.60 26.12
N GLY D 79 28.15 18.15 26.09
CA GLY D 79 27.06 18.69 26.95
C GLY D 79 26.41 19.96 26.41
N VAL D 80 26.69 20.35 25.16
CA VAL D 80 25.96 21.45 24.47
C VAL D 80 24.49 21.02 24.35
N VAL D 81 24.25 19.73 24.15
CA VAL D 81 22.90 19.11 24.23
C VAL D 81 22.92 18.15 25.41
N LYS D 82 22.01 18.36 26.37
CA LYS D 82 21.95 17.56 27.62
C LYS D 82 21.37 16.19 27.29
N ASP D 83 20.30 16.18 26.51
CA ASP D 83 19.63 14.92 26.14
C ASP D 83 18.70 15.19 24.97
N GLU D 84 17.98 14.16 24.53
CA GLU D 84 17.13 14.21 23.33
C GLU D 84 15.83 14.96 23.61
N HIS D 85 15.54 15.33 24.87
CA HIS D 85 14.31 16.07 25.28
C HIS D 85 14.57 17.56 25.45
N GLN D 86 15.82 17.99 25.60
CA GLN D 86 16.11 19.44 25.76
C GLN D 86 15.51 20.24 24.61
N VAL D 87 14.82 21.33 24.94
CA VAL D 87 14.13 22.18 23.93
C VAL D 87 15.11 23.25 23.47
N PHE D 88 15.22 23.40 22.15
CA PHE D 88 15.92 24.51 21.46
C PHE D 88 14.83 25.42 20.93
N LYS D 89 14.65 26.53 21.65
CA LYS D 89 13.61 27.54 21.35
C LYS D 89 13.88 28.14 19.97
N TRP D 90 12.84 28.29 19.16
CA TRP D 90 12.82 29.10 17.92
C TRP D 90 13.39 30.51 18.24
N ASP D 91 14.25 31.04 17.38
CA ASP D 91 14.90 32.36 17.56
C ASP D 91 13.94 33.47 17.08
N GLY D 92 12.81 33.10 16.48
CA GLY D 92 11.74 34.03 16.10
C GLY D 92 11.87 34.54 14.67
N GLN D 93 12.90 34.13 13.94
CA GLN D 93 13.11 34.50 12.52
C GLN D 93 12.40 33.48 11.63
N THR D 94 11.42 33.94 10.83
CA THR D 94 10.66 33.11 9.88
C THR D 94 11.59 32.72 8.72
N ARG D 95 11.80 31.43 8.51
CA ARG D 95 12.64 30.92 7.41
C ARG D 95 11.71 30.20 6.42
N ASP D 96 12.23 29.84 5.26
CA ASP D 96 11.48 29.27 4.13
C ASP D 96 10.84 27.93 4.51
N ILE D 97 11.51 27.10 5.32
CA ILE D 97 10.94 25.77 5.73
C ILE D 97 10.09 25.97 6.98
N ALA D 98 8.78 25.74 6.87
CA ALA D 98 7.77 26.04 7.91
C ALA D 98 8.09 25.26 9.20
N THR D 99 8.50 24.00 9.09
CA THR D 99 8.77 23.10 10.25
C THR D 99 9.93 23.64 11.08
N TRP D 100 10.73 24.54 10.52
CA TRP D 100 11.89 25.15 11.25
C TRP D 100 11.42 26.26 12.18
N ASN D 101 10.23 26.82 11.95
CA ASN D 101 9.76 28.03 12.69
C ASN D 101 8.96 27.59 13.92
N ARG D 102 9.58 26.79 14.77
CA ARG D 102 8.96 26.22 15.99
C ARG D 102 10.08 25.71 16.89
N ASP D 103 9.76 25.47 18.14
CA ASP D 103 10.64 24.80 19.13
C ASP D 103 10.98 23.40 18.61
N HIS D 104 12.16 22.90 18.96
CA HIS D 104 12.63 21.56 18.55
C HIS D 104 13.41 20.91 19.66
N ASN D 105 13.46 19.58 19.61
CA ASN D 105 14.45 18.86 20.43
C ASN D 105 15.37 18.14 19.43
N LEU D 106 16.30 17.33 19.93
CA LEU D 106 17.26 16.66 19.04
C LEU D 106 16.52 15.77 18.05
N ILE D 107 15.51 15.05 18.51
CA ILE D 107 14.74 14.09 17.66
C ILE D 107 14.11 14.86 16.51
N THR D 108 13.34 15.91 16.80
CA THR D 108 12.58 16.63 15.74
C THR D 108 13.54 17.48 14.89
N ALA D 109 14.61 18.00 15.48
CA ALA D 109 15.61 18.78 14.69
C ALA D 109 16.29 17.89 13.64
N MET D 110 16.62 16.65 14.00
N MET D 110 16.60 16.63 13.95
CA MET D 110 17.10 15.66 13.02
CA MET D 110 17.14 15.73 12.92
C MET D 110 16.02 15.41 11.97
C MET D 110 16.02 15.36 11.93
N LYS D 111 14.80 15.11 12.42
CA LYS D 111 13.67 14.69 11.55
C LYS D 111 13.39 15.75 10.49
N TYR D 112 13.33 17.02 10.89
CA TYR D 112 13.01 18.14 9.96
C TYR D 112 14.30 18.81 9.50
N SER D 113 15.48 18.30 9.88
CA SER D 113 16.80 18.76 9.36
C SER D 113 16.89 20.29 9.59
N VAL D 114 16.75 20.69 10.84
CA VAL D 114 16.59 22.11 11.26
C VAL D 114 17.98 22.74 11.36
N VAL D 115 18.45 23.32 10.27
CA VAL D 115 19.83 23.90 10.17
C VAL D 115 20.11 24.90 11.31
N PRO D 116 19.26 25.90 11.58
CA PRO D 116 19.59 26.92 12.60
C PRO D 116 19.87 26.34 13.99
N VAL D 117 19.20 25.24 14.37
CA VAL D 117 19.51 24.57 15.66
C VAL D 117 20.95 24.05 15.63
N TYR D 118 21.32 23.40 14.54
CA TYR D 118 22.68 22.78 14.37
C TYR D 118 23.76 23.85 14.21
N GLN D 119 23.40 25.00 13.65
CA GLN D 119 24.36 26.15 13.53
C GLN D 119 24.67 26.67 14.93
N GLU D 120 23.63 26.74 15.75
CA GLU D 120 23.83 27.12 17.16
C GLU D 120 24.71 26.08 17.86
N PHE D 121 24.49 24.77 17.66
CA PHE D 121 25.38 23.78 18.32
C PHE D 121 26.83 24.05 17.92
N ALA D 122 27.09 24.27 16.62
CA ALA D 122 28.44 24.38 16.04
C ALA D 122 29.15 25.60 16.67
N ARG D 123 28.41 26.71 16.82
CA ARG D 123 28.95 27.94 17.46
C ARG D 123 29.33 27.62 18.89
N GLN D 124 28.49 26.88 19.64
CA GLN D 124 28.83 26.51 21.03
C GLN D 124 29.97 25.51 21.08
N ILE D 125 30.03 24.58 20.12
CA ILE D 125 31.17 23.62 20.08
C ILE D 125 32.47 24.45 19.87
N GLY D 126 32.45 25.33 18.88
CA GLY D 126 33.63 26.14 18.49
C GLY D 126 34.64 25.40 17.62
N GLU D 127 35.50 26.17 16.94
CA GLU D 127 36.40 25.68 15.87
C GLU D 127 37.37 24.65 16.42
N ALA D 128 38.00 24.93 17.56
CA ALA D 128 39.06 24.06 18.10
C ALA D 128 38.51 22.66 18.39
N ARG D 129 37.39 22.60 19.13
CA ARG D 129 36.81 21.30 19.57
C ARG D 129 36.21 20.59 18.34
N MET D 130 35.60 21.33 17.41
CA MET D 130 35.04 20.73 16.18
C MET D 130 36.16 20.07 15.38
N SER D 131 37.27 20.77 15.15
CA SER D 131 38.40 20.22 14.36
C SER D 131 38.95 18.96 15.05
N LYS D 132 39.18 19.03 16.35
CA LYS D 132 39.75 17.93 17.15
C LYS D 132 38.87 16.67 17.04
N MET D 133 37.56 16.85 17.14
N MET D 133 37.55 16.87 17.16
CA MET D 133 36.61 15.71 17.16
CA MET D 133 36.56 15.77 17.16
C MET D 133 36.52 15.11 15.75
C MET D 133 36.54 15.13 15.77
N LEU D 134 36.58 15.92 14.69
CA LEU D 134 36.51 15.37 13.31
C LEU D 134 37.79 14.59 13.01
N HIS D 135 38.96 15.03 13.52
N HIS D 135 38.95 15.02 13.52
CA HIS D 135 40.23 14.26 13.42
CA HIS D 135 40.21 14.23 13.42
C HIS D 135 40.07 12.93 14.17
C HIS D 135 40.05 12.90 14.15
N ALA D 136 39.51 12.94 15.38
CA ALA D 136 39.25 11.74 16.20
C ALA D 136 38.28 10.78 15.48
N PHE D 137 37.31 11.31 14.75
CA PHE D 137 36.33 10.49 13.98
C PHE D 137 36.90 10.01 12.65
N ASP D 138 38.07 10.51 12.23
CA ASP D 138 38.66 10.22 10.90
C ASP D 138 37.61 10.60 9.84
N TYR D 139 36.93 11.72 10.03
CA TYR D 139 35.76 12.11 9.20
C TYR D 139 36.21 12.84 7.93
N GLY D 140 36.03 12.18 6.77
CA GLY D 140 36.28 12.80 5.47
C GLY D 140 37.70 13.38 5.37
N ASN D 141 37.81 14.59 4.86
CA ASN D 141 39.11 15.30 4.77
C ASN D 141 39.39 16.07 6.06
N GLU D 142 38.51 16.01 7.07
CA GLU D 142 38.74 16.59 8.43
C GLU D 142 39.06 18.09 8.33
N ASP D 143 38.70 18.76 7.25
CA ASP D 143 38.99 20.18 7.01
C ASP D 143 37.74 20.99 7.38
N ILE D 144 37.78 21.84 8.40
CA ILE D 144 36.58 22.68 8.76
C ILE D 144 36.70 24.13 8.24
N SER D 145 37.59 24.40 7.28
CA SER D 145 37.76 25.77 6.75
C SER D 145 36.42 26.37 6.38
N GLY D 146 36.19 27.60 6.83
CA GLY D 146 34.97 28.36 6.55
C GLY D 146 34.38 28.84 7.85
N ASN D 147 33.12 29.25 7.82
CA ASN D 147 32.34 29.60 9.02
C ASN D 147 32.19 28.35 9.90
N VAL D 148 32.48 28.46 11.20
CA VAL D 148 32.29 27.36 12.18
C VAL D 148 30.85 26.83 12.11
N ASP D 149 29.90 27.65 11.64
CA ASP D 149 28.47 27.29 11.58
C ASP D 149 27.98 27.14 10.13
N SER D 150 28.87 26.98 9.14
CA SER D 150 28.39 26.62 7.77
C SER D 150 29.40 25.78 6.98
N PHE D 151 30.53 25.37 7.54
CA PHE D 151 31.62 24.78 6.72
C PHE D 151 31.13 23.50 6.02
N TRP D 152 30.12 22.82 6.59
CA TRP D 152 29.60 21.53 6.04
C TRP D 152 28.62 21.80 4.90
N LEU D 153 28.20 23.07 4.73
CA LEU D 153 27.28 23.48 3.64
C LEU D 153 28.08 24.24 2.57
N ASP D 154 29.08 25.03 2.97
CA ASP D 154 29.77 25.89 1.96
C ASP D 154 31.25 26.15 2.30
N GLY D 155 31.88 25.27 3.07
CA GLY D 155 33.30 25.35 3.42
C GLY D 155 34.13 24.24 2.81
N GLY D 156 35.17 23.83 3.52
CA GLY D 156 36.27 23.05 2.95
C GLY D 156 36.10 21.56 3.18
N ILE D 157 35.06 21.13 3.91
CA ILE D 157 35.00 19.71 4.35
C ILE D 157 34.45 18.90 3.16
N ARG D 158 34.98 17.71 2.96
CA ARG D 158 34.59 16.81 1.83
C ARG D 158 34.59 15.38 2.37
N ILE D 159 33.59 14.60 1.98
CA ILE D 159 33.49 13.17 2.41
C ILE D 159 32.89 12.39 1.24
N SER D 160 33.45 11.21 1.02
CA SER D 160 32.94 10.27 -0.03
C SER D 160 31.86 9.37 0.56
N ALA D 161 31.08 8.74 -0.31
CA ALA D 161 30.12 7.66 0.09
C ALA D 161 30.85 6.56 0.89
N THR D 162 32.02 6.10 0.46
CA THR D 162 32.77 5.03 1.15
C THR D 162 33.24 5.54 2.51
N GLU D 163 33.62 6.82 2.60
CA GLU D 163 34.06 7.37 3.91
C GLU D 163 32.82 7.50 4.83
N GLN D 164 31.64 7.82 4.28
CA GLN D 164 30.37 7.88 5.07
C GLN D 164 30.16 6.50 5.72
N ILE D 165 30.29 5.44 4.92
CA ILE D 165 30.13 4.05 5.44
C ILE D 165 31.14 3.78 6.55
N SER D 166 32.41 4.12 6.35
CA SER D 166 33.45 3.87 7.40
C SER D 166 33.01 4.49 8.72
N PHE D 167 32.55 5.72 8.66
CA PHE D 167 32.14 6.51 9.84
C PHE D 167 30.89 5.89 10.49
N LEU D 168 29.89 5.53 9.69
CA LEU D 168 28.65 4.92 10.22
C LEU D 168 28.93 3.55 10.85
N ARG D 169 29.88 2.76 10.31
CA ARG D 169 30.18 1.42 10.84
C ARG D 169 30.72 1.64 12.24
N LYS D 170 31.55 2.66 12.41
CA LYS D 170 32.08 2.98 13.76
C LYS D 170 30.93 3.39 14.69
N LEU D 171 30.02 4.23 14.23
CA LEU D 171 28.86 4.65 15.05
C LEU D 171 28.01 3.44 15.44
N TYR D 172 27.69 2.58 14.47
CA TYR D 172 26.88 1.37 14.72
C TYR D 172 27.48 0.52 15.85
N HIS D 173 28.81 0.37 15.87
CA HIS D 173 29.57 -0.48 16.82
C HIS D 173 29.96 0.30 18.08
N ASN D 174 29.52 1.56 18.24
CA ASN D 174 29.86 2.41 19.41
C ASN D 174 31.37 2.57 19.49
N LYS D 175 32.07 2.62 18.36
CA LYS D 175 33.56 2.65 18.34
C LYS D 175 34.07 4.08 18.15
N LEU D 176 33.21 5.07 17.97
CA LEU D 176 33.71 6.46 17.85
C LEU D 176 34.24 6.91 19.21
N HIS D 177 35.18 7.86 19.24
CA HIS D 177 35.82 8.36 20.49
C HIS D 177 34.94 9.46 21.07
N VAL D 178 33.71 9.09 21.42
CA VAL D 178 32.76 9.83 22.28
C VAL D 178 32.06 8.78 23.14
N SER D 179 31.22 9.21 24.07
CA SER D 179 30.62 8.26 25.04
C SER D 179 29.70 7.29 24.29
N GLU D 180 29.57 6.07 24.82
CA GLU D 180 28.49 5.14 24.35
C GLU D 180 27.14 5.85 24.36
N ARG D 181 26.83 6.59 25.42
CA ARG D 181 25.53 7.30 25.57
C ARG D 181 25.28 8.24 24.38
N SER D 182 26.29 9.03 23.98
CA SER D 182 26.16 9.96 22.82
C SER D 182 25.80 9.17 21.56
N GLN D 183 26.48 8.07 21.35
CA GLN D 183 26.27 7.21 20.15
C GLN D 183 24.85 6.62 20.18
N ARG D 184 24.38 6.16 21.32
CA ARG D 184 23.03 5.54 21.46
C ARG D 184 21.98 6.62 21.21
N ILE D 185 22.19 7.83 21.72
CA ILE D 185 21.18 8.90 21.49
C ILE D 185 21.12 9.25 20.00
N VAL D 186 22.26 9.41 19.34
CA VAL D 186 22.25 9.82 17.91
C VAL D 186 21.62 8.71 17.06
N LYS D 187 21.91 7.46 17.37
CA LYS D 187 21.30 6.34 16.58
C LYS D 187 19.79 6.33 16.80
N GLN D 188 19.32 6.71 18.00
CA GLN D 188 17.87 6.89 18.24
C GLN D 188 17.34 8.01 17.33
N ALA D 189 18.03 9.16 17.30
CA ALA D 189 17.58 10.34 16.53
C ALA D 189 17.64 10.03 15.04
N MET D 190 18.46 9.08 14.61
CA MET D 190 18.53 8.71 13.17
C MET D 190 17.36 7.83 12.75
N LEU D 191 16.58 7.29 13.69
CA LEU D 191 15.51 6.34 13.32
C LEU D 191 14.62 6.97 12.25
N THR D 192 14.43 6.28 11.13
CA THR D 192 13.68 6.78 9.97
C THR D 192 12.46 5.90 9.71
N GLU D 193 12.67 4.60 9.79
CA GLU D 193 11.57 3.65 9.46
C GLU D 193 11.80 2.37 10.24
N ALA D 194 10.71 1.77 10.70
CA ALA D 194 10.78 0.44 11.31
C ALA D 194 9.46 -0.27 11.07
N ASN D 195 9.61 -1.55 10.75
CA ASN D 195 8.46 -2.47 10.65
C ASN D 195 8.99 -3.85 11.01
N GLY D 196 8.19 -4.89 10.78
CA GLY D 196 8.56 -6.27 11.11
C GLY D 196 9.58 -6.86 10.15
N ASP D 197 9.93 -6.18 9.04
CA ASP D 197 10.94 -6.67 8.07
C ASP D 197 12.31 -5.98 8.23
N TYR D 198 12.35 -4.74 8.70
CA TYR D 198 13.62 -3.99 8.76
C TYR D 198 13.48 -2.71 9.60
N ILE D 199 14.63 -2.18 10.03
CA ILE D 199 14.75 -0.84 10.66
C ILE D 199 15.77 -0.05 9.81
N ILE D 200 15.43 1.16 9.41
CA ILE D 200 16.40 2.08 8.74
C ILE D 200 16.71 3.21 9.70
N ARG D 201 18.01 3.40 9.97
CA ARG D 201 18.56 4.59 10.68
C ARG D 201 19.39 5.34 9.67
N ALA D 202 19.04 6.59 9.39
CA ALA D 202 19.59 7.30 8.22
C ALA D 202 19.44 8.79 8.37
N LYS D 203 20.12 9.51 7.46
CA LYS D 203 20.02 10.98 7.38
C LYS D 203 20.16 11.37 5.91
N THR D 204 19.25 12.21 5.46
CA THR D 204 19.30 12.85 4.13
C THR D 204 20.20 14.10 4.16
N GLY D 205 20.64 14.53 2.98
CA GLY D 205 21.33 15.82 2.80
C GLY D 205 21.11 16.38 1.41
N TYR D 206 21.26 17.69 1.27
CA TYR D 206 21.16 18.40 -0.02
C TYR D 206 22.20 19.53 0.00
N SER D 207 23.30 19.31 -0.72
CA SER D 207 24.36 20.33 -0.91
C SER D 207 23.90 21.29 -2.01
N THR D 208 23.54 22.52 -1.66
CA THR D 208 22.87 23.50 -2.56
C THR D 208 23.77 24.71 -2.89
N ARG D 209 24.84 24.95 -2.14
CA ARG D 209 25.50 26.29 -2.15
C ARG D 209 26.71 26.25 -3.09
N ILE D 210 27.43 25.11 -3.16
CA ILE D 210 28.68 24.92 -3.96
C ILE D 210 28.40 23.84 -5.01
N GLU D 211 28.72 24.10 -6.27
CA GLU D 211 28.52 23.12 -7.37
C GLU D 211 29.52 21.98 -7.17
N PRO D 212 29.19 20.71 -7.53
CA PRO D 212 27.88 20.33 -8.06
C PRO D 212 26.87 20.10 -6.94
N LYS D 213 25.63 20.55 -7.18
CA LYS D 213 24.49 20.34 -6.26
C LYS D 213 24.24 18.84 -6.23
N ILE D 214 24.26 18.25 -5.03
CA ILE D 214 24.01 16.80 -4.86
C ILE D 214 23.03 16.55 -3.70
N GLY D 215 22.33 15.43 -3.81
CA GLY D 215 21.52 14.86 -2.72
C GLY D 215 22.23 13.66 -2.14
N TRP D 216 22.13 13.48 -0.82
CA TRP D 216 22.70 12.36 -0.05
C TRP D 216 21.59 11.57 0.64
N TRP D 217 21.88 10.30 0.89
CA TRP D 217 21.14 9.50 1.90
C TRP D 217 22.13 8.50 2.44
N VAL D 218 22.42 8.59 3.74
CA VAL D 218 23.42 7.67 4.34
C VAL D 218 22.79 7.03 5.58
N GLY D 219 23.18 5.82 5.87
CA GLY D 219 22.61 5.11 7.04
C GLY D 219 22.81 3.63 6.93
N TRP D 220 21.90 2.91 7.58
CA TRP D 220 21.94 1.42 7.50
C TRP D 220 20.54 0.83 7.67
N VAL D 221 20.45 -0.40 7.19
CA VAL D 221 19.26 -1.25 7.31
C VAL D 221 19.60 -2.39 8.26
N GLU D 222 18.90 -2.46 9.38
CA GLU D 222 19.03 -3.52 10.36
C GLU D 222 18.04 -4.63 10.00
N LEU D 223 18.57 -5.82 9.81
CA LEU D 223 17.77 -7.05 9.64
C LEU D 223 17.94 -7.90 10.89
N ASP D 224 17.21 -8.99 10.98
CA ASP D 224 17.33 -9.89 12.14
C ASP D 224 18.77 -10.39 12.32
N ASP D 225 19.45 -10.73 11.24
CA ASP D 225 20.76 -11.41 11.38
C ASP D 225 21.83 -10.72 10.55
N ASN D 226 21.65 -9.45 10.17
CA ASN D 226 22.70 -8.73 9.43
C ASN D 226 22.35 -7.25 9.46
N VAL D 227 23.35 -6.42 9.19
N VAL D 227 23.36 -6.45 9.10
CA VAL D 227 23.12 -4.97 8.90
CA VAL D 227 23.27 -4.98 8.91
C VAL D 227 23.80 -4.65 7.57
C VAL D 227 23.83 -4.66 7.53
N TRP D 228 23.08 -3.94 6.72
CA TRP D 228 23.56 -3.40 5.44
C TRP D 228 23.75 -1.90 5.58
N PHE D 229 24.99 -1.42 5.54
CA PHE D 229 25.28 0.04 5.50
C PHE D 229 25.08 0.53 4.07
N PHE D 230 24.58 1.76 3.94
CA PHE D 230 24.44 2.40 2.63
C PHE D 230 24.86 3.85 2.68
N ALA D 231 25.33 4.31 1.52
CA ALA D 231 25.58 5.74 1.28
C ALA D 231 25.35 5.98 -0.20
N MET D 232 24.49 6.93 -0.49
CA MET D 232 24.18 7.26 -1.89
C MET D 232 24.33 8.76 -2.03
N ASN D 233 24.78 9.16 -3.20
CA ASN D 233 24.62 10.57 -3.61
C ASN D 233 24.24 10.57 -5.08
N MET D 234 23.60 11.66 -5.50
CA MET D 234 23.15 11.86 -6.90
C MET D 234 23.14 13.35 -7.22
N ASP D 235 23.29 13.67 -8.49
CA ASP D 235 23.22 15.08 -8.95
C ASP D 235 21.77 15.53 -8.71
N MET D 236 21.65 16.73 -8.15
CA MET D 236 20.37 17.33 -7.73
C MET D 236 20.32 18.79 -8.20
N PRO D 237 20.27 19.04 -9.53
CA PRO D 237 20.29 20.41 -10.04
C PRO D 237 19.08 21.24 -9.59
N THR D 238 17.94 20.59 -9.28
CA THR D 238 16.75 21.22 -8.62
C THR D 238 16.23 20.31 -7.51
N SER D 239 15.48 20.90 -6.56
CA SER D 239 14.84 20.22 -5.40
C SER D 239 13.72 19.27 -5.85
N ASP D 240 13.37 19.31 -7.15
CA ASP D 240 12.36 18.44 -7.81
C ASP D 240 12.59 16.96 -7.46
N GLY D 241 13.85 16.52 -7.45
CA GLY D 241 14.19 15.09 -7.46
C GLY D 241 14.59 14.59 -6.08
N LEU D 242 14.32 15.37 -5.02
CA LEU D 242 14.79 14.99 -3.66
C LEU D 242 14.27 13.60 -3.25
N GLY D 243 13.06 13.23 -3.64
CA GLY D 243 12.44 11.92 -3.28
C GLY D 243 13.20 10.75 -3.86
N LEU D 244 14.01 11.00 -4.90
CA LEU D 244 14.79 9.92 -5.57
C LEU D 244 15.91 9.43 -4.66
N ARG D 245 16.38 10.24 -3.70
CA ARG D 245 17.47 9.79 -2.80
C ARG D 245 17.01 8.50 -2.11
N GLN D 246 15.83 8.49 -1.51
CA GLN D 246 15.30 7.30 -0.82
C GLN D 246 14.79 6.29 -1.87
N ALA D 247 14.13 6.78 -2.93
CA ALA D 247 13.42 5.88 -3.88
C ALA D 247 14.44 5.02 -4.63
N ILE D 248 15.56 5.62 -5.07
CA ILE D 248 16.58 4.88 -5.87
C ILE D 248 17.27 3.91 -4.92
N THR D 249 17.64 4.35 -3.71
CA THR D 249 18.29 3.46 -2.72
C THR D 249 17.41 2.20 -2.48
N LYS D 250 16.12 2.40 -2.27
CA LYS D 250 15.18 1.30 -1.97
C LYS D 250 15.03 0.36 -3.18
N GLU D 251 15.04 0.88 -4.42
CA GLU D 251 15.04 0.03 -5.63
C GLU D 251 16.28 -0.88 -5.66
N VAL D 252 17.45 -0.40 -5.22
CA VAL D 252 18.67 -1.24 -5.16
C VAL D 252 18.50 -2.26 -4.04
N LEU D 253 18.00 -1.82 -2.88
CA LEU D 253 17.85 -2.70 -1.71
C LEU D 253 16.90 -3.86 -2.10
N LYS D 254 15.82 -3.56 -2.82
CA LYS D 254 14.79 -4.57 -3.27
C LYS D 254 15.40 -5.49 -4.32
N GLN D 255 16.12 -4.93 -5.29
CA GLN D 255 16.84 -5.73 -6.30
C GLN D 255 17.77 -6.71 -5.58
N GLU D 256 18.42 -6.29 -4.50
CA GLU D 256 19.40 -7.16 -3.81
C GLU D 256 18.72 -8.02 -2.73
N LYS D 257 17.40 -7.96 -2.59
CA LYS D 257 16.62 -8.87 -1.71
C LYS D 257 16.92 -8.50 -0.25
N ILE D 258 17.34 -7.27 0.01
CA ILE D 258 17.65 -6.82 1.39
C ILE D 258 16.35 -6.43 2.07
N ILE D 259 15.44 -5.81 1.32
CA ILE D 259 14.08 -5.47 1.82
C ILE D 259 13.08 -6.04 0.83
N PRO D 260 11.83 -6.36 1.26
CA PRO D 260 10.79 -6.84 0.34
C PRO D 260 10.31 -5.75 -0.63
#